data_6B5J
#
_entry.id   6B5J
#
_cell.length_a   85.615
_cell.length_b   108.193
_cell.length_c   92.650
_cell.angle_alpha   90.000
_cell.angle_beta   94.710
_cell.angle_gamma   90.000
#
_symmetry.space_group_name_H-M   'P 1 21 1'
#
loop_
_entity.id
_entity.type
_entity.pdbx_description
1 polymer 'Serine/threonine-protein kinase TNNI3K'
2 non-polymer N-methyl-3-[(6-{[4-(trifluoromethyl)phenyl]amino}pyrimidin-4-yl)amino]benzene-1-sulfonamide
3 water water
#
_entity_poly.entity_id   1
_entity_poly.type   'polypeptide(L)'
_entity_poly.pdbx_seq_one_letter_code
;GGDGSYVSVPSPLGKIKSMTKEKADILLLRAGLPSHFHLQLSEIEFHEIIGSGSFGKVYKGRCRNKIVAIKRYRANTYCS
KSDVDMFCREVSILCQLNHPCVIQFVGACLNDPSQFAIVTQYISGGSLFSLLHEQKRILDLQSKLIIAVDVAKGMEYLHN
LTQPIIHRDLNSHNILLYEDGHAVVADFGESRFLQSLDEDNMTKQPGNLRWMAPEVFTQCTRYTIKADVFSYALCLWEIL
TGEIPFAHLKPAAAAADMAYHHIRPPIGYSIPKPISSLLIRGWNACPEGRPEFSEVVMKLEECLCNIELMS
;
_entity_poly.pdbx_strand_id   A,B,C,D
#
loop_
_chem_comp.id
_chem_comp.type
_chem_comp.name
_chem_comp.formula
CV4 non-polymer N-methyl-3-[(6-{[4-(trifluoromethyl)phenyl]amino}pyrimidin-4-yl)amino]benzene-1-sulfonamide 'C18 H16 F3 N5 O2 S'
#
# COMPACT_ATOMS: atom_id res chain seq x y z
N ILE A 26 -4.71 -8.54 43.16
CA ILE A 26 -5.29 -9.79 43.77
C ILE A 26 -6.48 -9.52 44.70
N LEU A 27 -6.45 -8.47 45.50
CA LEU A 27 -7.60 -8.11 46.38
C LEU A 27 -8.72 -7.46 45.54
N LEU A 28 -8.36 -6.55 44.62
CA LEU A 28 -9.35 -5.90 43.74
C LEU A 28 -10.04 -6.92 42.83
N LEU A 29 -9.26 -7.92 42.38
CA LEU A 29 -9.79 -9.01 41.54
C LEU A 29 -10.81 -9.89 42.27
N ARG A 30 -10.54 -10.27 43.52
CA ARG A 30 -11.51 -11.00 44.38
C ARG A 30 -12.89 -10.27 44.46
N ALA A 31 -12.88 -8.94 44.57
CA ALA A 31 -14.11 -8.14 44.66
C ALA A 31 -14.90 -8.09 43.34
N GLY A 32 -14.20 -7.77 42.25
CA GLY A 32 -14.81 -7.64 40.92
C GLY A 32 -15.31 -8.93 40.27
N LEU A 33 -14.44 -9.95 40.20
CA LEU A 33 -14.79 -11.32 39.76
C LEU A 33 -15.99 -11.88 40.51
N PRO A 34 -17.10 -12.15 39.81
CA PRO A 34 -18.26 -12.67 40.55
C PRO A 34 -17.90 -13.90 41.40
N SER A 35 -18.55 -14.05 42.56
CA SER A 35 -18.11 -15.07 43.52
C SER A 35 -18.28 -16.53 43.01
N HIS A 36 -19.22 -16.80 42.11
CA HIS A 36 -19.34 -18.16 41.54
C HIS A 36 -18.13 -18.65 40.71
N PHE A 37 -17.30 -17.75 40.20
CA PHE A 37 -16.07 -18.13 39.51
C PHE A 37 -14.94 -18.43 40.50
N HIS A 38 -15.10 -18.04 41.76
CA HIS A 38 -14.11 -18.35 42.83
C HIS A 38 -14.01 -19.84 43.07
N LEU A 39 -12.84 -20.41 42.82
CA LEU A 39 -12.59 -21.81 43.04
C LEU A 39 -11.53 -21.97 44.08
N GLN A 40 -11.62 -23.07 44.82
CA GLN A 40 -10.57 -23.51 45.73
C GLN A 40 -9.83 -24.68 45.10
N LEU A 41 -8.51 -24.67 45.23
CA LEU A 41 -7.68 -25.71 44.64
C LEU A 41 -8.15 -27.13 45.00
N SER A 42 -8.69 -27.30 46.21
CA SER A 42 -9.24 -28.58 46.64
C SER A 42 -10.47 -29.07 45.83
N GLU A 43 -11.15 -28.17 45.07
CA GLU A 43 -12.29 -28.58 44.23
C GLU A 43 -11.88 -29.11 42.86
N ILE A 44 -10.60 -28.92 42.52
CA ILE A 44 -10.04 -29.34 41.24
C ILE A 44 -9.27 -30.63 41.45
N GLU A 45 -9.56 -31.58 40.56
CA GLU A 45 -8.91 -32.86 40.47
C GLU A 45 -8.04 -32.82 39.21
N PHE A 46 -6.75 -33.03 39.37
CA PHE A 46 -5.80 -32.95 38.26
C PHE A 46 -5.55 -34.36 37.75
N HIS A 47 -5.71 -34.62 36.44
CA HIS A 47 -5.42 -35.95 35.87
C HIS A 47 -4.14 -35.92 35.05
N GLU A 48 -4.19 -35.46 33.83
CA GLU A 48 -3.10 -35.66 32.85
C GLU A 48 -2.58 -34.34 32.40
N ILE A 49 -1.30 -34.27 32.02
CA ILE A 49 -0.76 -33.04 31.42
C ILE A 49 -1.17 -33.03 29.94
N ILE A 50 -1.57 -31.87 29.43
CA ILE A 50 -1.85 -31.71 27.97
C ILE A 50 -1.02 -30.63 27.26
N GLY A 51 -0.41 -29.72 28.01
CA GLY A 51 0.46 -28.67 27.44
C GLY A 51 1.47 -28.22 28.51
N SER A 52 2.65 -27.76 28.08
CA SER A 52 3.79 -27.50 29.01
C SER A 52 4.71 -26.35 28.61
N PHE A 55 6.17 -21.13 31.31
CA PHE A 55 5.01 -20.36 31.77
C PHE A 55 4.17 -21.05 32.88
N GLY A 56 4.36 -22.37 33.05
CA GLY A 56 3.49 -23.22 33.87
C GLY A 56 2.93 -24.38 33.03
N LYS A 57 1.92 -25.07 33.55
CA LYS A 57 1.42 -26.31 32.93
C LYS A 57 -0.09 -26.37 32.85
N VAL A 58 -0.58 -27.04 31.81
CA VAL A 58 -2.00 -27.21 31.58
C VAL A 58 -2.40 -28.67 31.79
N TYR A 59 -3.37 -28.91 32.67
CA TYR A 59 -3.80 -30.28 32.98
C TYR A 59 -5.22 -30.58 32.49
N LYS A 60 -5.44 -31.79 32.00
CA LYS A 60 -6.80 -32.30 31.95
C LYS A 60 -7.20 -32.67 33.39
N GLY A 61 -8.48 -32.57 33.72
CA GLY A 61 -8.90 -32.77 35.06
C GLY A 61 -10.37 -32.71 35.24
N ARG A 62 -10.80 -32.52 36.49
CA ARG A 62 -12.22 -32.52 36.85
C ARG A 62 -12.58 -31.52 37.98
N CYS A 63 -13.68 -30.81 37.79
CA CYS A 63 -14.08 -29.74 38.72
C CYS A 63 -15.59 -29.50 38.63
N ARG A 64 -16.29 -29.55 39.77
CA ARG A 64 -17.74 -29.45 39.82
C ARG A 64 -18.42 -30.33 38.79
N ASN A 65 -18.11 -31.60 38.80
CA ASN A 65 -18.62 -32.55 37.83
C ASN A 65 -18.55 -32.16 36.35
N LYS A 66 -17.52 -31.42 35.96
CA LYS A 66 -17.28 -31.10 34.56
C LYS A 66 -15.95 -31.67 34.22
N ILE A 67 -15.75 -32.07 32.98
CA ILE A 67 -14.41 -32.38 32.51
C ILE A 67 -13.84 -31.02 32.13
N VAL A 68 -12.65 -30.71 32.65
CA VAL A 68 -12.07 -29.36 32.52
C VAL A 68 -10.58 -29.36 32.17
N ALA A 69 -10.13 -28.29 31.54
CA ALA A 69 -8.72 -28.06 31.33
C ALA A 69 -8.31 -27.03 32.35
N ILE A 70 -7.16 -27.23 32.98
CA ILE A 70 -6.68 -26.32 34.02
C ILE A 70 -5.32 -25.81 33.67
N LYS A 71 -5.18 -24.51 33.61
CA LYS A 71 -3.88 -23.89 33.39
C LYS A 71 -3.38 -23.46 34.74
N ARG A 72 -2.24 -24.02 35.15
CA ARG A 72 -1.58 -23.65 36.40
C ARG A 72 -0.24 -22.92 36.17
N TYR A 73 0.02 -21.87 36.97
CA TYR A 73 1.22 -21.03 36.80
C TYR A 73 2.50 -21.53 37.51
N ARG A 74 3.65 -21.02 37.04
CA ARG A 74 5.01 -21.45 37.46
C ARG A 74 5.19 -21.92 38.92
N SER A 82 4.77 -8.95 38.53
CA SER A 82 4.42 -9.11 37.09
C SER A 82 3.65 -10.42 36.80
N ASP A 83 3.97 -11.49 37.53
CA ASP A 83 3.21 -12.78 37.48
C ASP A 83 1.76 -12.59 37.87
N VAL A 84 1.56 -11.89 38.97
CA VAL A 84 0.24 -11.61 39.52
C VAL A 84 -0.55 -10.73 38.54
N ASP A 85 -0.01 -9.59 38.16
CA ASP A 85 -0.70 -8.70 37.21
C ASP A 85 -1.12 -9.46 35.97
N MET A 86 -0.25 -10.32 35.45
CA MET A 86 -0.55 -11.10 34.26
C MET A 86 -1.74 -12.01 34.50
N PHE A 87 -1.70 -12.81 35.57
CA PHE A 87 -2.84 -13.65 36.01
C PHE A 87 -4.12 -12.86 36.20
N CYS A 88 -4.03 -11.69 36.79
CA CYS A 88 -5.20 -10.85 37.04
C CYS A 88 -5.82 -10.36 35.73
N ARG A 89 -5.00 -9.86 34.81
CA ARG A 89 -5.49 -9.49 33.49
C ARG A 89 -6.26 -10.67 32.88
N GLU A 90 -5.64 -11.84 32.89
CA GLU A 90 -6.18 -12.98 32.19
C GLU A 90 -7.55 -13.35 32.71
N VAL A 91 -7.72 -13.35 34.03
CA VAL A 91 -8.99 -13.72 34.64
C VAL A 91 -10.06 -12.67 34.30
N SER A 92 -9.69 -11.39 34.34
CA SER A 92 -10.59 -10.29 33.97
C SER A 92 -11.08 -10.35 32.54
N ILE A 93 -10.20 -10.82 31.69
CA ILE A 93 -10.52 -11.04 30.29
C ILE A 93 -11.46 -12.24 30.19
N LEU A 94 -11.10 -13.36 30.83
CA LEU A 94 -11.86 -14.61 30.70
C LEU A 94 -13.26 -14.53 31.27
N CYS A 95 -13.40 -13.88 32.40
CA CYS A 95 -14.70 -13.87 33.07
C CYS A 95 -15.71 -12.99 32.37
N GLN A 96 -15.32 -12.26 31.34
CA GLN A 96 -16.26 -11.51 30.50
C GLN A 96 -16.83 -12.32 29.34
N LEU A 97 -16.24 -13.46 29.00
CA LEU A 97 -16.50 -14.13 27.74
C LEU A 97 -17.60 -15.18 27.76
N ASN A 98 -18.43 -15.12 26.74
CA ASN A 98 -19.54 -15.99 26.56
C ASN A 98 -19.92 -16.01 25.10
N HIS A 99 -19.39 -16.99 24.39
CA HIS A 99 -19.69 -17.16 22.96
C HIS A 99 -19.33 -18.56 22.55
N PRO A 100 -20.20 -19.21 21.78
CA PRO A 100 -19.94 -20.64 21.54
C PRO A 100 -18.72 -21.01 20.67
N CYS A 101 -18.13 -20.01 19.99
CA CYS A 101 -16.77 -20.11 19.40
C CYS A 101 -15.62 -19.58 20.27
N VAL A 102 -15.85 -19.37 21.57
CA VAL A 102 -14.78 -18.99 22.49
C VAL A 102 -14.77 -19.98 23.62
N ILE A 103 -13.59 -20.47 23.99
CA ILE A 103 -13.46 -21.39 25.13
C ILE A 103 -14.22 -20.90 26.34
N GLN A 104 -14.99 -21.77 26.97
CA GLN A 104 -15.89 -21.40 28.07
C GLN A 104 -15.18 -21.39 29.40
N PHE A 105 -15.20 -20.26 30.10
CA PHE A 105 -14.55 -20.12 31.38
C PHE A 105 -15.41 -20.72 32.52
N VAL A 106 -14.78 -21.51 33.38
CA VAL A 106 -15.44 -22.17 34.53
C VAL A 106 -15.14 -21.43 35.86
N GLY A 107 -13.89 -21.06 36.08
CA GLY A 107 -13.47 -20.37 37.29
C GLY A 107 -11.97 -20.21 37.35
N ALA A 108 -11.48 -19.56 38.40
CA ALA A 108 -10.05 -19.49 38.67
C ALA A 108 -9.85 -19.65 40.16
N CYS A 109 -8.62 -20.00 40.58
N CYS A 109 -8.61 -19.95 40.57
CA CYS A 109 -8.24 -20.02 42.02
CA CYS A 109 -8.21 -20.00 41.98
C CYS A 109 -7.42 -18.77 42.39
C CYS A 109 -7.43 -18.76 42.38
N LEU A 110 -7.88 -18.07 43.44
CA LEU A 110 -7.28 -16.81 43.88
C LEU A 110 -6.57 -16.85 45.23
N ASN A 111 -6.96 -17.74 46.14
CA ASN A 111 -6.37 -17.81 47.50
C ASN A 111 -5.00 -17.17 47.68
N ASP A 112 -3.99 -17.67 46.96
CA ASP A 112 -2.66 -17.04 46.93
C ASP A 112 -1.88 -17.36 45.65
N PRO A 113 -0.80 -16.62 45.35
CA PRO A 113 -0.01 -16.84 44.14
C PRO A 113 0.53 -18.25 43.91
N SER A 114 0.81 -19.00 44.97
CA SER A 114 1.25 -20.42 44.86
C SER A 114 0.15 -21.32 44.31
N GLN A 115 -1.11 -20.93 44.53
CA GLN A 115 -2.27 -21.69 44.06
C GLN A 115 -2.93 -21.17 42.77
N PHE A 116 -2.42 -20.07 42.19
CA PHE A 116 -3.04 -19.43 41.01
C PHE A 116 -3.31 -20.42 39.88
N ALA A 117 -4.57 -20.47 39.44
CA ALA A 117 -5.01 -21.42 38.41
C ALA A 117 -6.29 -20.99 37.68
N ILE A 118 -6.34 -21.30 36.38
CA ILE A 118 -7.45 -21.00 35.54
C ILE A 118 -8.10 -22.31 35.04
N VAL A 119 -9.42 -22.38 35.11
CA VAL A 119 -10.19 -23.55 34.71
C VAL A 119 -11.19 -23.23 33.59
N THR A 120 -11.13 -23.97 32.50
CA THR A 120 -12.08 -23.84 31.39
C THR A 120 -12.66 -25.21 31.07
N GLN A 121 -13.66 -25.23 30.17
CA GLN A 121 -14.09 -26.48 29.57
C GLN A 121 -12.90 -27.17 28.90
N TYR A 122 -13.07 -28.47 28.74
CA TYR A 122 -12.15 -29.34 28.02
C TYR A 122 -12.84 -29.76 26.73
N ILE A 123 -12.11 -29.64 25.62
CA ILE A 123 -12.62 -29.92 24.31
C ILE A 123 -11.90 -31.15 23.83
N SER A 124 -12.67 -32.21 23.56
CA SER A 124 -12.11 -33.56 23.45
C SER A 124 -11.42 -33.79 22.14
N GLY A 125 -11.81 -33.02 21.13
CA GLY A 125 -11.30 -33.29 19.80
C GLY A 125 -9.94 -32.69 19.50
N GLY A 126 -9.38 -31.96 20.45
CA GLY A 126 -8.02 -31.49 20.34
C GLY A 126 -7.80 -30.18 19.62
N SER A 127 -6.51 -29.90 19.39
CA SER A 127 -6.09 -28.68 18.72
C SER A 127 -6.09 -28.91 17.21
N LEU A 128 -6.28 -27.80 16.49
CA LEU A 128 -6.23 -27.77 15.04
C LEU A 128 -4.85 -28.18 14.58
N PHE A 129 -3.83 -27.71 15.30
CA PHE A 129 -2.45 -28.08 15.03
C PHE A 129 -2.26 -29.62 15.00
N SER A 130 -2.73 -30.27 16.07
CA SER A 130 -2.69 -31.74 16.14
C SER A 130 -3.40 -32.42 14.96
N LEU A 131 -4.63 -32.00 14.67
CA LEU A 131 -5.37 -32.58 13.56
C LEU A 131 -4.53 -32.48 12.31
N LEU A 132 -4.04 -31.29 11.98
CA LEU A 132 -3.44 -31.03 10.67
C LEU A 132 -2.05 -31.62 10.52
N HIS A 133 -1.22 -31.47 11.55
CA HIS A 133 0.21 -31.75 11.43
C HIS A 133 0.67 -32.97 12.18
N GLU A 134 -0.04 -33.42 13.21
CA GLU A 134 0.35 -34.64 13.96
C GLU A 134 -0.40 -35.87 13.46
N GLN A 135 -1.72 -35.83 13.61
CA GLN A 135 -2.60 -36.85 13.06
C GLN A 135 -2.77 -36.72 11.53
N LYS A 136 -2.26 -35.66 10.91
CA LYS A 136 -2.25 -35.51 9.44
C LYS A 136 -3.56 -35.92 8.76
N ARG A 137 -4.69 -35.60 9.41
CA ARG A 137 -6.01 -36.00 8.91
C ARG A 137 -6.38 -35.13 7.72
N ILE A 138 -7.00 -35.74 6.72
CA ILE A 138 -7.34 -35.01 5.51
C ILE A 138 -8.78 -34.55 5.70
N LEU A 139 -9.01 -33.27 5.47
CA LEU A 139 -10.32 -32.65 5.63
C LEU A 139 -10.76 -32.12 4.28
N ASP A 140 -12.06 -32.16 4.01
CA ASP A 140 -12.59 -31.54 2.80
C ASP A 140 -12.87 -30.05 3.02
N LEU A 141 -13.18 -29.35 1.93
CA LEU A 141 -13.33 -27.89 1.94
C LEU A 141 -14.43 -27.43 2.89
N GLN A 142 -15.50 -28.21 3.02
CA GLN A 142 -16.59 -27.80 3.87
C GLN A 142 -16.13 -27.81 5.36
N SER A 143 -15.46 -28.88 5.77
CA SER A 143 -14.98 -29.01 7.14
C SER A 143 -14.00 -27.90 7.50
N LYS A 144 -13.07 -27.62 6.59
CA LYS A 144 -12.09 -26.53 6.69
C LYS A 144 -12.72 -25.17 6.85
N LEU A 145 -13.71 -24.88 6.02
CA LEU A 145 -14.38 -23.60 6.09
C LEU A 145 -15.15 -23.47 7.35
N ILE A 146 -15.85 -24.53 7.77
CA ILE A 146 -16.58 -24.52 9.06
C ILE A 146 -15.68 -24.09 10.21
N ILE A 147 -14.50 -24.72 10.28
CA ILE A 147 -13.43 -24.33 11.22
C ILE A 147 -13.04 -22.86 11.07
N ALA A 148 -12.75 -22.44 9.85
CA ALA A 148 -12.38 -21.05 9.57
C ALA A 148 -13.47 -20.05 10.00
N VAL A 149 -14.73 -20.46 9.83
CA VAL A 149 -15.86 -19.57 10.15
C VAL A 149 -16.04 -19.44 11.65
N ASP A 150 -16.00 -20.56 12.36
CA ASP A 150 -16.16 -20.51 13.80
C ASP A 150 -15.02 -19.71 14.42
N VAL A 151 -13.79 -19.90 13.97
CA VAL A 151 -12.70 -19.08 14.47
C VAL A 151 -12.98 -17.60 14.22
N ALA A 152 -13.38 -17.30 13.00
CA ALA A 152 -13.72 -15.91 12.65
C ALA A 152 -14.87 -15.36 13.48
N LYS A 153 -15.82 -16.21 13.82
CA LYS A 153 -16.95 -15.80 14.64
C LYS A 153 -16.56 -15.50 16.10
N GLY A 154 -15.66 -16.31 16.64
CA GLY A 154 -15.13 -16.04 17.97
C GLY A 154 -14.36 -14.74 18.02
N MET A 155 -13.65 -14.44 16.94
CA MET A 155 -12.79 -13.27 16.88
C MET A 155 -13.62 -12.02 16.63
N GLU A 156 -14.67 -12.14 15.81
CA GLU A 156 -15.63 -11.05 15.62
C GLU A 156 -16.24 -10.66 17.00
N TYR A 157 -16.50 -11.67 17.83
CA TYR A 157 -17.09 -11.44 19.12
C TYR A 157 -16.11 -10.66 19.97
N LEU A 158 -14.89 -11.16 20.08
CA LEU A 158 -13.85 -10.50 20.88
C LEU A 158 -13.68 -9.02 20.50
N HIS A 159 -13.67 -8.76 19.20
CA HIS A 159 -13.35 -7.43 18.71
C HIS A 159 -14.49 -6.42 18.82
N ASN A 160 -15.71 -6.92 18.89
CA ASN A 160 -16.88 -6.10 18.96
C ASN A 160 -17.54 -6.02 20.32
N LEU A 161 -16.89 -6.52 21.37
CA LEU A 161 -17.33 -6.22 22.74
C LEU A 161 -17.26 -4.70 23.01
N THR A 162 -18.05 -4.22 23.98
CA THR A 162 -18.01 -2.78 24.36
C THR A 162 -16.57 -2.38 24.63
N GLN A 163 -15.88 -3.18 25.44
CA GLN A 163 -14.44 -3.07 25.57
C GLN A 163 -13.73 -4.22 24.83
N PRO A 164 -13.24 -3.96 23.58
CA PRO A 164 -12.65 -4.99 22.73
C PRO A 164 -11.42 -5.65 23.30
N ILE A 165 -11.22 -6.90 22.90
CA ILE A 165 -10.14 -7.75 23.36
C ILE A 165 -9.36 -8.21 22.15
N ILE A 166 -8.06 -8.11 22.25
CA ILE A 166 -7.14 -8.63 21.26
C ILE A 166 -6.69 -9.96 21.82
N HIS A 167 -6.75 -11.02 21.02
CA HIS A 167 -6.31 -12.34 21.47
C HIS A 167 -4.81 -12.33 21.61
N ARG A 168 -4.14 -11.80 20.57
CA ARG A 168 -2.67 -11.59 20.46
C ARG A 168 -1.83 -12.87 20.28
N ASP A 169 -2.36 -14.04 20.61
CA ASP A 169 -1.67 -15.32 20.38
C ASP A 169 -2.43 -16.35 19.56
N LEU A 170 -3.25 -15.90 18.62
CA LEU A 170 -4.01 -16.79 17.76
C LEU A 170 -3.13 -17.64 16.78
N ASN A 171 -3.20 -18.96 16.97
CA ASN A 171 -2.48 -19.90 16.15
C ASN A 171 -3.23 -21.23 16.20
N SER A 172 -2.76 -22.22 15.45
CA SER A 172 -3.46 -23.50 15.36
C SER A 172 -3.37 -24.30 16.64
N HIS A 173 -2.48 -23.93 17.56
CA HIS A 173 -2.45 -24.54 18.91
C HIS A 173 -3.58 -24.14 19.81
N ASN A 174 -4.14 -22.95 19.54
CA ASN A 174 -5.22 -22.32 20.30
C ASN A 174 -6.59 -22.35 19.64
N ILE A 175 -6.70 -23.00 18.49
CA ILE A 175 -7.97 -23.38 17.91
C ILE A 175 -8.19 -24.87 18.25
N LEU A 176 -9.16 -25.11 19.12
CA LEU A 176 -9.57 -26.43 19.58
C LEU A 176 -10.85 -26.84 18.90
N LEU A 177 -11.12 -28.15 18.92
CA LEU A 177 -12.12 -28.77 18.05
C LEU A 177 -13.02 -29.74 18.77
N TYR A 178 -14.30 -29.48 18.73
CA TYR A 178 -15.26 -30.49 19.09
C TYR A 178 -15.21 -31.69 18.11
N GLU A 179 -15.75 -32.82 18.55
CA GLU A 179 -15.80 -34.01 17.72
CA GLU A 179 -15.84 -34.03 17.71
C GLU A 179 -16.64 -33.75 16.46
N ASP A 180 -17.68 -32.95 16.57
CA ASP A 180 -18.55 -32.66 15.42
C ASP A 180 -17.92 -31.72 14.39
N GLY A 181 -16.76 -31.13 14.67
CA GLY A 181 -16.03 -30.40 13.67
C GLY A 181 -16.00 -28.91 13.87
N HIS A 182 -16.92 -28.38 14.70
CA HIS A 182 -16.90 -26.95 15.09
C HIS A 182 -15.66 -26.63 15.96
N ALA A 183 -15.32 -25.34 15.99
CA ALA A 183 -14.10 -24.87 16.63
C ALA A 183 -14.31 -23.73 17.67
N VAL A 184 -13.37 -23.61 18.58
CA VAL A 184 -13.39 -22.50 19.52
C VAL A 184 -11.98 -21.98 19.73
N VAL A 185 -11.88 -20.69 20.08
CA VAL A 185 -10.62 -20.03 20.30
C VAL A 185 -10.34 -20.15 21.76
N ALA A 186 -9.10 -20.54 22.09
CA ALA A 186 -8.71 -20.80 23.46
C ALA A 186 -7.49 -20.02 23.84
N ASP A 187 -7.15 -20.04 25.11
CA ASP A 187 -5.90 -19.48 25.63
C ASP A 187 -5.74 -17.98 25.44
N PHE A 188 -6.18 -17.26 26.46
CA PHE A 188 -6.13 -15.84 26.53
C PHE A 188 -4.96 -15.40 27.38
N GLY A 189 -3.86 -16.16 27.30
CA GLY A 189 -2.68 -15.93 28.16
C GLY A 189 -1.90 -14.67 27.81
N GLU A 190 -2.01 -14.28 26.54
CA GLU A 190 -1.38 -13.10 26.02
C GLU A 190 -2.37 -11.98 25.69
N SER A 191 -3.65 -12.22 25.91
N SER A 191 -3.66 -12.23 25.88
N SER A 191 -3.65 -12.22 25.94
CA SER A 191 -4.69 -11.28 25.53
CA SER A 191 -4.68 -11.28 25.46
CA SER A 191 -4.72 -11.31 25.57
C SER A 191 -4.60 -9.97 26.29
C SER A 191 -4.65 -10.00 26.29
C SER A 191 -4.65 -9.98 26.32
N ARG A 192 -5.08 -8.91 25.67
CA ARG A 192 -5.07 -7.55 26.25
C ARG A 192 -6.39 -6.87 25.88
N PHE A 193 -6.89 -5.97 26.73
CA PHE A 193 -7.98 -5.07 26.37
C PHE A 193 -7.43 -4.00 25.44
N LEU A 194 -8.20 -3.59 24.43
CA LEU A 194 -7.81 -2.48 23.53
C LEU A 194 -7.92 -1.08 24.15
N GLN A 195 -6.88 -0.24 23.98
CA GLN A 195 -6.88 1.19 24.46
C GLN A 195 -7.91 2.11 23.72
N SER A 196 -8.34 3.20 24.37
CA SER A 196 -9.40 4.11 23.82
C SER A 196 -9.51 5.42 24.61
N GLY A 207 9.82 10.97 17.69
CA GLY A 207 10.52 11.90 16.78
C GLY A 207 9.67 12.41 15.62
N ASN A 208 10.33 12.83 14.53
CA ASN A 208 9.68 13.11 13.25
C ASN A 208 9.75 11.92 12.29
N LEU A 209 8.60 11.61 11.72
CA LEU A 209 8.34 10.32 11.13
C LEU A 209 8.95 10.13 9.72
N ARG A 210 9.27 11.24 9.06
CA ARG A 210 9.76 11.24 7.68
C ARG A 210 11.13 10.59 7.53
N TRP A 211 11.90 10.61 8.59
CA TRP A 211 13.21 10.04 8.62
C TRP A 211 13.29 8.74 9.48
N MET A 212 12.17 8.29 10.01
CA MET A 212 12.17 7.09 10.83
C MET A 212 12.25 5.81 10.01
N ALA A 213 13.17 4.92 10.41
CA ALA A 213 13.16 3.53 9.94
C ALA A 213 11.79 2.85 10.09
N PRO A 214 11.46 1.95 9.17
CA PRO A 214 10.19 1.26 9.25
C PRO A 214 9.90 0.58 10.60
N GLU A 215 10.87 -0.18 11.13
CA GLU A 215 10.68 -0.89 12.42
C GLU A 215 10.42 0.09 13.58
N VAL A 216 11.13 1.20 13.60
CA VAL A 216 10.89 2.27 14.57
C VAL A 216 9.51 2.92 14.38
N PHE A 217 9.11 3.16 13.13
CA PHE A 217 7.75 3.70 12.88
C PHE A 217 6.66 2.77 13.38
N THR A 218 6.94 1.47 13.32
CA THR A 218 5.99 0.42 13.74
C THR A 218 5.94 0.19 15.25
N GLN A 219 7.11 0.37 15.90
CA GLN A 219 7.23 0.38 17.34
C GLN A 219 6.42 1.49 17.94
N CYS A 220 6.39 2.64 17.25
N CYS A 220 6.37 2.65 17.27
CA CYS A 220 5.70 3.82 17.76
CA CYS A 220 5.69 3.80 17.82
C CYS A 220 4.18 3.79 17.54
C CYS A 220 4.20 3.90 17.46
N THR A 221 3.70 3.06 16.55
CA THR A 221 2.24 3.11 16.17
C THR A 221 1.29 2.61 17.29
N ARG A 222 1.58 1.42 17.87
CA ARG A 222 0.73 0.71 18.89
C ARG A 222 -0.26 -0.17 18.13
N TYR A 223 -0.35 -1.43 18.49
CA TYR A 223 -1.15 -2.40 17.72
C TYR A 223 -2.61 -2.36 18.10
N THR A 224 -3.41 -2.89 17.19
CA THR A 224 -4.84 -2.85 17.25
C THR A 224 -5.39 -4.26 17.17
N ILE A 225 -6.70 -4.37 17.14
CA ILE A 225 -7.32 -5.64 16.81
C ILE A 225 -6.87 -6.28 15.48
N LYS A 226 -6.30 -5.47 14.59
CA LYS A 226 -5.92 -5.97 13.28
C LYS A 226 -4.75 -6.96 13.34
N ALA A 227 -3.93 -6.87 14.37
CA ALA A 227 -2.89 -7.85 14.59
C ALA A 227 -3.52 -9.26 14.57
N ASP A 228 -4.70 -9.42 15.18
CA ASP A 228 -5.38 -10.69 15.13
C ASP A 228 -5.72 -11.18 13.70
N VAL A 229 -6.16 -10.27 12.85
CA VAL A 229 -6.57 -10.65 11.48
C VAL A 229 -5.38 -11.21 10.71
N PHE A 230 -4.20 -10.62 10.88
CA PHE A 230 -2.97 -11.19 10.29
C PHE A 230 -2.70 -12.62 10.75
N SER A 231 -2.69 -12.84 12.04
CA SER A 231 -2.61 -14.16 12.61
C SER A 231 -3.68 -15.08 12.00
N TYR A 232 -4.93 -14.67 12.07
CA TYR A 232 -6.01 -15.45 11.45
C TYR A 232 -5.65 -15.89 10.02
N ALA A 233 -5.14 -14.94 9.26
CA ALA A 233 -4.85 -15.18 7.84
C ALA A 233 -3.86 -16.34 7.63
N LEU A 234 -2.77 -16.31 8.37
CA LEU A 234 -1.84 -17.43 8.39
C LEU A 234 -2.56 -18.72 8.83
N CYS A 235 -3.38 -18.65 9.87
CA CYS A 235 -4.20 -19.78 10.28
C CYS A 235 -5.06 -20.34 9.15
N LEU A 236 -5.74 -19.47 8.43
CA LEU A 236 -6.58 -19.86 7.29
C LEU A 236 -5.79 -20.55 6.16
N TRP A 237 -4.58 -20.06 5.91
CA TRP A 237 -3.67 -20.67 4.93
C TRP A 237 -3.20 -22.02 5.44
N GLU A 238 -2.89 -22.06 6.72
CA GLU A 238 -2.50 -23.28 7.36
C GLU A 238 -3.56 -24.36 7.21
N ILE A 239 -4.84 -23.98 7.36
CA ILE A 239 -6.00 -24.88 7.22
C ILE A 239 -6.13 -25.40 5.80
N LEU A 240 -6.02 -24.52 4.83
CA LEU A 240 -6.23 -24.92 3.45
C LEU A 240 -5.10 -25.79 2.95
N THR A 241 -3.86 -25.41 3.17
CA THR A 241 -2.71 -26.17 2.67
C THR A 241 -2.43 -27.38 3.55
N GLY A 242 -2.66 -27.24 4.83
CA GLY A 242 -2.41 -28.29 5.78
C GLY A 242 -0.99 -28.18 6.26
N GLU A 243 -0.31 -27.08 5.95
CA GLU A 243 1.10 -26.87 6.26
C GLU A 243 1.28 -25.73 7.29
N ILE A 244 2.28 -25.91 8.15
CA ILE A 244 2.72 -24.91 9.12
C ILE A 244 3.31 -23.84 8.26
N PRO A 245 2.99 -22.58 8.53
CA PRO A 245 3.62 -21.48 7.80
C PRO A 245 5.16 -21.49 7.81
N PHE A 246 5.78 -21.49 6.63
CA PHE A 246 7.25 -21.50 6.54
C PHE A 246 7.84 -22.68 7.33
N ALA A 247 7.25 -23.86 7.16
CA ALA A 247 7.64 -25.05 7.94
C ALA A 247 9.17 -25.27 8.02
N HIS A 248 9.84 -25.00 6.93
CA HIS A 248 11.30 -25.11 6.83
C HIS A 248 12.11 -24.08 7.65
N LEU A 249 11.46 -23.05 8.20
CA LEU A 249 12.13 -22.04 8.99
C LEU A 249 11.71 -22.13 10.42
N LYS A 250 12.56 -21.62 11.30
CA LYS A 250 12.26 -21.51 12.72
C LYS A 250 11.42 -20.27 12.96
N PRO A 251 10.64 -20.25 14.07
CA PRO A 251 9.66 -19.18 14.32
C PRO A 251 10.17 -17.78 14.11
N ALA A 252 11.34 -17.49 14.67
CA ALA A 252 11.96 -16.17 14.55
C ALA A 252 12.39 -15.83 13.14
N ALA A 253 12.84 -16.82 12.38
CA ALA A 253 13.21 -16.60 10.99
C ALA A 253 11.96 -16.29 10.18
N ALA A 254 10.87 -17.03 10.44
CA ALA A 254 9.58 -16.78 9.78
C ALA A 254 9.12 -15.36 10.07
N ALA A 255 9.12 -14.97 11.34
CA ALA A 255 8.71 -13.63 11.76
C ALA A 255 9.49 -12.54 11.08
N ALA A 256 10.80 -12.78 10.95
CA ALA A 256 11.74 -11.82 10.33
C ALA A 256 11.38 -11.62 8.86
N ASP A 257 11.36 -12.73 8.12
CA ASP A 257 11.00 -12.73 6.71
C ASP A 257 9.68 -12.05 6.43
N MET A 258 8.69 -12.24 7.29
CA MET A 258 7.37 -11.67 7.05
C MET A 258 7.42 -10.20 7.34
N ALA A 259 8.15 -9.83 8.39
CA ALA A 259 8.15 -8.44 8.83
C ALA A 259 9.11 -7.57 8.07
N TYR A 260 10.25 -8.09 7.67
CA TYR A 260 11.32 -7.26 7.08
C TYR A 260 11.32 -7.46 5.58
N HIS A 261 11.68 -8.65 5.12
CA HIS A 261 11.66 -8.97 3.69
C HIS A 261 10.24 -9.00 3.05
N HIS A 262 9.15 -8.80 3.80
CA HIS A 262 7.75 -8.72 3.28
C HIS A 262 7.15 -10.02 2.65
N ILE A 263 7.76 -11.15 2.96
CA ILE A 263 7.35 -12.44 2.39
C ILE A 263 6.07 -12.96 3.05
N ARG A 264 5.26 -13.65 2.27
CA ARG A 264 4.10 -14.33 2.76
C ARG A 264 4.16 -15.72 2.18
N PRO A 265 3.41 -16.67 2.72
CA PRO A 265 3.44 -18.01 2.13
C PRO A 265 2.92 -18.06 0.72
N PRO A 266 3.31 -19.10 -0.06
CA PRO A 266 2.87 -19.17 -1.43
C PRO A 266 1.39 -19.40 -1.51
N ILE A 267 0.69 -18.61 -2.31
CA ILE A 267 -0.71 -18.82 -2.63
C ILE A 267 -0.73 -19.50 -3.98
N GLY A 268 -1.05 -20.80 -3.98
CA GLY A 268 -1.20 -21.57 -5.21
C GLY A 268 -2.42 -21.12 -6.00
N TYR A 269 -2.43 -21.37 -7.30
CA TYR A 269 -3.61 -21.07 -8.12
C TYR A 269 -4.85 -21.91 -7.73
N SER A 270 -4.65 -23.11 -7.19
CA SER A 270 -5.74 -23.97 -6.67
C SER A 270 -6.61 -23.43 -5.51
N ILE A 271 -6.13 -22.41 -4.80
CA ILE A 271 -6.90 -21.75 -3.73
C ILE A 271 -8.04 -20.91 -4.32
N PRO A 272 -9.28 -21.16 -3.88
CA PRO A 272 -10.43 -20.42 -4.44
C PRO A 272 -10.29 -18.91 -4.28
N LYS A 273 -10.83 -18.15 -5.24
CA LYS A 273 -10.70 -16.69 -5.24
C LYS A 273 -11.12 -15.92 -3.98
N PRO A 274 -12.35 -16.17 -3.48
CA PRO A 274 -12.78 -15.41 -2.28
C PRO A 274 -11.82 -15.55 -1.08
N ILE A 275 -11.18 -16.72 -1.01
CA ILE A 275 -10.28 -17.07 0.04
C ILE A 275 -8.95 -16.42 -0.16
N SER A 276 -8.37 -16.53 -1.34
CA SER A 276 -7.06 -15.93 -1.58
C SER A 276 -7.15 -14.42 -1.43
N SER A 277 -8.29 -13.85 -1.78
CA SER A 277 -8.60 -12.48 -1.45
C SER A 277 -8.47 -12.20 0.05
N LEU A 278 -9.21 -12.92 0.86
CA LEU A 278 -9.04 -12.80 2.34
C LEU A 278 -7.60 -12.96 2.80
N LEU A 279 -6.88 -13.90 2.20
CA LEU A 279 -5.50 -14.09 2.53
C LEU A 279 -4.69 -12.88 2.19
N ILE A 280 -4.85 -12.40 0.97
CA ILE A 280 -4.02 -11.30 0.51
C ILE A 280 -4.27 -10.06 1.34
N ARG A 281 -5.54 -9.74 1.57
CA ARG A 281 -5.87 -8.57 2.37
C ARG A 281 -5.49 -8.80 3.82
N GLY A 282 -5.90 -9.94 4.34
CA GLY A 282 -5.70 -10.33 5.73
C GLY A 282 -4.29 -10.27 6.24
N TRP A 283 -3.28 -10.50 5.39
CA TRP A 283 -1.90 -10.40 5.85
C TRP A 283 -1.11 -9.25 5.23
N ASN A 284 -1.83 -8.19 4.97
CA ASN A 284 -1.24 -6.96 4.51
C ASN A 284 -0.31 -6.39 5.60
N ALA A 285 0.86 -5.94 5.18
CA ALA A 285 1.75 -5.29 6.13
C ALA A 285 1.09 -4.08 6.78
N CYS A 286 0.26 -3.35 6.01
CA CYS A 286 -0.49 -2.21 6.55
C CYS A 286 -1.72 -2.70 7.30
N PRO A 287 -1.71 -2.63 8.64
CA PRO A 287 -2.85 -3.18 9.40
C PRO A 287 -4.19 -2.62 8.97
N GLU A 288 -4.23 -1.34 8.63
CA GLU A 288 -5.48 -0.64 8.30
C GLU A 288 -6.15 -1.28 7.09
N GLY A 289 -5.35 -1.94 6.25
CA GLY A 289 -5.85 -2.62 5.06
C GLY A 289 -6.30 -4.06 5.20
N ARG A 290 -6.40 -4.55 6.44
CA ARG A 290 -6.90 -5.90 6.69
C ARG A 290 -8.37 -5.84 6.95
N PRO A 291 -9.11 -6.82 6.48
CA PRO A 291 -10.53 -6.79 6.78
C PRO A 291 -10.92 -6.86 8.27
N GLU A 292 -12.06 -6.31 8.65
N GLU A 292 -12.10 -6.35 8.57
CA GLU A 292 -12.64 -6.59 9.98
CA GLU A 292 -12.80 -6.57 9.85
C GLU A 292 -13.30 -7.99 9.90
C GLU A 292 -13.33 -8.02 9.87
N PHE A 293 -13.35 -8.67 11.04
CA PHE A 293 -13.84 -10.05 11.09
C PHE A 293 -15.28 -10.25 10.67
N SER A 294 -16.15 -9.28 10.94
CA SER A 294 -17.52 -9.33 10.44
C SER A 294 -17.56 -9.62 8.94
N GLU A 295 -16.69 -8.96 8.16
CA GLU A 295 -16.54 -9.24 6.71
C GLU A 295 -15.98 -10.61 6.45
N VAL A 296 -14.96 -11.01 7.21
CA VAL A 296 -14.34 -12.34 7.06
C VAL A 296 -15.40 -13.41 7.21
N VAL A 297 -16.29 -13.19 8.19
CA VAL A 297 -17.42 -14.08 8.44
C VAL A 297 -18.38 -14.08 7.24
N MET A 298 -18.75 -12.88 6.78
CA MET A 298 -19.64 -12.69 5.63
C MET A 298 -19.16 -13.42 4.36
N LYS A 299 -17.85 -13.44 4.10
CA LYS A 299 -17.33 -14.06 2.86
C LYS A 299 -17.24 -15.56 3.02
N LEU A 300 -16.83 -16.04 4.19
CA LEU A 300 -16.68 -17.47 4.36
C LEU A 300 -18.03 -18.20 4.41
N GLU A 301 -19.06 -17.56 4.96
CA GLU A 301 -20.40 -18.15 5.02
C GLU A 301 -21.00 -18.23 3.62
N GLU A 302 -20.67 -17.21 2.83
CA GLU A 302 -20.95 -17.15 1.40
C GLU A 302 -20.26 -18.31 0.65
N CYS A 303 -19.02 -18.63 0.99
CA CYS A 303 -18.35 -19.84 0.44
C CYS A 303 -19.02 -21.15 0.85
N LEU A 304 -19.51 -21.24 2.10
CA LEU A 304 -20.20 -22.46 2.53
C LEU A 304 -21.47 -22.73 1.73
N CYS A 305 -22.19 -21.66 1.35
CA CYS A 305 -23.35 -21.71 0.42
C CYS A 305 -23.09 -22.26 -1.00
N ASN A 306 -21.81 -22.32 -1.40
CA ASN A 306 -21.38 -22.96 -2.67
C ASN A 306 -20.50 -24.24 -2.56
N ILE A 307 -20.18 -24.69 -1.32
CA ILE A 307 -19.24 -25.80 -1.05
C ILE A 307 -19.89 -27.15 -1.32
N ILE B 26 4.28 12.99 -40.86
CA ILE B 26 5.13 12.36 -41.92
C ILE B 26 6.17 13.33 -42.53
N LEU B 27 5.76 14.57 -42.84
CA LEU B 27 6.68 15.58 -43.40
C LEU B 27 7.66 16.11 -42.34
N LEU B 28 7.16 16.31 -41.10
CA LEU B 28 7.99 16.70 -39.94
C LEU B 28 8.94 15.57 -39.53
N LEU B 29 8.50 14.32 -39.66
CA LEU B 29 9.37 13.15 -39.42
C LEU B 29 10.51 13.00 -40.43
N ARG B 30 10.23 13.20 -41.72
CA ARG B 30 11.28 13.22 -42.76
C ARG B 30 12.44 14.19 -42.39
N ALA B 31 12.11 15.40 -41.92
CA ALA B 31 13.12 16.43 -41.58
C ALA B 31 13.95 16.07 -40.34
N GLY B 32 13.28 15.67 -39.26
CA GLY B 32 13.91 15.32 -37.99
C GLY B 32 14.75 14.03 -37.99
N LEU B 33 14.14 12.92 -38.44
CA LEU B 33 14.85 11.63 -38.63
C LEU B 33 16.11 11.80 -39.50
N PRO B 34 17.30 11.54 -38.95
CA PRO B 34 18.50 11.73 -39.78
C PRO B 34 18.40 11.02 -41.10
N SER B 35 18.98 11.57 -42.15
CA SER B 35 18.77 11.01 -43.49
C SER B 35 19.38 9.60 -43.67
N HIS B 36 20.40 9.23 -42.94
CA HIS B 36 20.91 7.85 -43.10
C HIS B 36 19.93 6.72 -42.70
N PHE B 37 18.91 7.03 -41.90
CA PHE B 37 17.88 6.08 -41.50
C PHE B 37 16.82 5.97 -42.57
N HIS B 38 16.76 6.94 -43.48
CA HIS B 38 15.81 6.91 -44.60
C HIS B 38 16.12 5.76 -45.50
N LEU B 39 15.14 4.86 -45.62
CA LEU B 39 15.21 3.71 -46.50
C LEU B 39 14.13 3.81 -47.58
N GLN B 40 14.44 3.20 -48.72
CA GLN B 40 13.48 2.96 -49.77
C GLN B 40 13.10 1.51 -49.75
N LEU B 41 11.84 1.22 -49.98
CA LEU B 41 11.36 -0.16 -50.01
C LEU B 41 12.16 -1.06 -50.92
N SER B 42 12.65 -0.53 -52.05
CA SER B 42 13.46 -1.30 -52.98
C SER B 42 14.84 -1.78 -52.44
N GLU B 43 15.30 -1.22 -51.32
CA GLU B 43 16.56 -1.62 -50.68
C GLU B 43 16.37 -2.77 -49.72
N ILE B 44 15.10 -3.08 -49.40
CA ILE B 44 14.76 -4.19 -48.55
C ILE B 44 14.35 -5.39 -49.36
N GLU B 45 14.92 -6.51 -48.95
CA GLU B 45 14.61 -7.81 -49.47
C GLU B 45 13.81 -8.48 -48.35
N PHE B 46 12.65 -9.03 -48.69
CA PHE B 46 11.78 -9.73 -47.73
C PHE B 46 11.89 -11.22 -47.98
N HIS B 47 12.24 -12.02 -46.97
CA HIS B 47 12.39 -13.49 -47.13
C HIS B 47 11.28 -14.32 -46.53
N GLU B 48 11.19 -14.34 -45.21
CA GLU B 48 10.23 -15.19 -44.47
C GLU B 48 9.39 -14.38 -43.51
N ILE B 49 8.22 -14.90 -43.15
CA ILE B 49 7.44 -14.30 -42.06
C ILE B 49 7.97 -14.88 -40.75
N ILE B 50 8.10 -14.03 -39.73
CA ILE B 50 8.39 -14.48 -38.33
C ILE B 50 7.31 -14.11 -37.30
N GLY B 51 6.48 -13.12 -37.58
CA GLY B 51 5.43 -12.69 -36.67
C GLY B 51 4.29 -12.06 -37.44
N SER B 52 3.06 -12.21 -36.91
CA SER B 52 1.83 -11.86 -37.64
C SER B 52 0.71 -11.34 -36.74
N GLY B 53 -0.39 -10.88 -37.37
CA GLY B 53 -1.53 -10.24 -36.68
C GLY B 53 -2.21 -9.20 -37.56
N SER B 54 -3.31 -8.62 -37.08
CA SER B 54 -4.01 -7.55 -37.82
C SER B 54 -3.36 -6.16 -37.67
N PHE B 55 -2.22 -6.07 -36.95
CA PHE B 55 -1.38 -4.85 -36.88
C PHE B 55 -0.46 -4.69 -38.12
N GLY B 56 -0.33 -5.76 -38.90
CA GLY B 56 0.65 -5.85 -40.00
C GLY B 56 1.51 -7.08 -39.78
N LYS B 57 2.65 -7.16 -40.46
CA LYS B 57 3.48 -8.37 -40.41
C LYS B 57 4.95 -8.06 -40.23
N VAL B 58 5.67 -8.99 -39.59
CA VAL B 58 7.12 -8.89 -39.39
C VAL B 58 7.85 -9.94 -40.22
N TYR B 59 8.77 -9.49 -41.07
CA TYR B 59 9.54 -10.39 -41.95
C TYR B 59 11.02 -10.50 -41.58
N LYS B 60 11.60 -11.70 -41.72
CA LYS B 60 13.05 -11.84 -41.82
C LYS B 60 13.41 -11.41 -43.23
N GLY B 61 14.59 -10.80 -43.40
CA GLY B 61 14.96 -10.25 -44.71
C GLY B 61 16.35 -9.69 -44.78
N ARG B 62 16.60 -8.85 -45.76
CA ARG B 62 17.94 -8.31 -45.96
C ARG B 62 17.93 -6.85 -46.42
N CYS B 63 18.87 -6.05 -45.90
CA CYS B 63 18.93 -4.61 -46.18
C CYS B 63 20.31 -4.08 -45.90
N ARG B 64 20.91 -3.42 -46.90
CA ARG B 64 22.31 -2.97 -46.82
C ARG B 64 23.29 -4.03 -46.29
N ASN B 65 23.32 -5.17 -46.94
CA ASN B 65 24.12 -6.28 -46.46
C ASN B 65 24.03 -6.59 -44.96
N LYS B 66 22.85 -6.47 -44.37
CA LYS B 66 22.60 -6.91 -42.99
C LYS B 66 21.44 -7.91 -43.00
N ILE B 67 21.50 -8.87 -42.11
CA ILE B 67 20.33 -9.70 -41.90
C ILE B 67 19.43 -8.88 -40.97
N VAL B 68 18.19 -8.64 -41.40
CA VAL B 68 17.32 -7.72 -40.68
C VAL B 68 15.92 -8.28 -40.48
N ALA B 69 15.26 -7.75 -39.45
CA ALA B 69 13.86 -8.00 -39.26
C ALA B 69 13.14 -6.78 -39.70
N ILE B 70 12.03 -6.95 -40.40
CA ILE B 70 11.26 -5.81 -40.94
C ILE B 70 9.81 -5.87 -40.51
N LYS B 71 9.31 -4.81 -39.91
CA LYS B 71 7.95 -4.76 -39.45
C LYS B 71 7.21 -3.88 -40.39
N ARG B 72 6.24 -4.46 -41.05
CA ARG B 72 5.48 -3.76 -42.06
C ARG B 72 4.03 -3.59 -41.59
N TYR B 73 3.46 -2.42 -41.85
CA TYR B 73 2.08 -2.07 -41.42
C TYR B 73 0.92 -2.51 -42.35
N ARG B 74 -0.28 -2.60 -41.77
CA ARG B 74 -1.52 -3.13 -42.43
C ARG B 74 -1.68 -2.89 -43.94
N LYS B 81 -4.56 8.85 -40.44
CA LYS B 81 -4.69 9.75 -39.29
C LYS B 81 -4.02 9.20 -38.02
N SER B 82 -4.50 8.04 -37.58
CA SER B 82 -4.03 7.36 -36.34
C SER B 82 -2.94 6.32 -36.66
N ASP B 83 -3.02 5.68 -37.83
CA ASP B 83 -1.97 4.76 -38.33
C ASP B 83 -0.63 5.48 -38.49
N VAL B 84 -0.70 6.65 -39.12
CA VAL B 84 0.48 7.45 -39.43
C VAL B 84 1.13 7.95 -38.13
N ASP B 85 0.34 8.61 -37.29
CA ASP B 85 0.83 9.10 -36.00
C ASP B 85 1.50 7.99 -35.17
N MET B 86 0.90 6.79 -35.16
CA MET B 86 1.45 5.60 -34.46
C MET B 86 2.83 5.23 -35.04
N PHE B 87 2.90 5.14 -36.36
CA PHE B 87 4.17 4.92 -37.08
C PHE B 87 5.19 5.99 -36.78
N CYS B 88 4.76 7.23 -36.78
CA CYS B 88 5.67 8.37 -36.54
C CYS B 88 6.25 8.39 -35.14
N ARG B 89 5.40 8.17 -34.15
CA ARG B 89 5.87 8.00 -32.78
C ARG B 89 6.94 6.90 -32.71
N GLU B 90 6.64 5.74 -33.31
CA GLU B 90 7.51 4.59 -33.17
C GLU B 90 8.89 4.86 -33.74
N VAL B 91 8.97 5.50 -34.90
CA VAL B 91 10.24 5.75 -35.54
C VAL B 91 11.02 6.76 -34.74
N SER B 92 10.35 7.78 -34.24
CA SER B 92 10.96 8.76 -33.32
C SER B 92 11.57 8.15 -32.07
N ILE B 93 10.87 7.17 -31.52
CA ILE B 93 11.35 6.45 -30.37
C ILE B 93 12.57 5.62 -30.75
N LEU B 94 12.48 4.89 -31.85
CA LEU B 94 13.53 3.95 -32.28
C LEU B 94 14.83 4.62 -32.67
N CYS B 95 14.74 5.74 -33.37
CA CYS B 95 15.95 6.38 -33.88
C CYS B 95 16.76 7.10 -32.79
N GLN B 96 16.24 7.15 -31.57
CA GLN B 96 16.99 7.62 -30.44
C GLN B 96 17.78 6.52 -29.72
N LEU B 97 17.52 5.25 -30.01
CA LEU B 97 18.04 4.18 -29.16
C LEU B 97 19.38 3.62 -29.59
N ASN B 98 20.24 3.37 -28.60
CA ASN B 98 21.57 2.83 -28.80
C ASN B 98 22.06 2.23 -27.52
N HIS B 99 21.87 0.92 -27.40
CA HIS B 99 22.29 0.19 -26.20
C HIS B 99 22.31 -1.29 -26.53
N PRO B 100 23.36 -2.02 -26.08
CA PRO B 100 23.51 -3.39 -26.54
C PRO B 100 22.48 -4.37 -25.96
N CYS B 101 21.72 -3.95 -24.96
CA CYS B 101 20.46 -4.64 -24.54
C CYS B 101 19.16 -4.14 -25.15
N VAL B 102 19.24 -3.26 -26.14
CA VAL B 102 18.06 -2.82 -26.89
C VAL B 102 18.21 -3.13 -28.39
N ILE B 103 17.16 -3.63 -28.99
CA ILE B 103 17.21 -3.96 -30.41
C ILE B 103 17.76 -2.81 -31.18
N GLN B 104 18.64 -3.08 -32.13
CA GLN B 104 19.32 -2.06 -32.92
C GLN B 104 18.57 -1.60 -34.18
N PHE B 105 18.24 -0.32 -34.21
CA PHE B 105 17.48 0.27 -35.28
C PHE B 105 18.37 0.51 -36.49
N VAL B 106 17.92 0.08 -37.67
CA VAL B 106 18.65 0.17 -38.96
C VAL B 106 18.11 1.30 -39.84
N GLY B 107 16.77 1.39 -39.92
CA GLY B 107 16.08 2.43 -40.72
C GLY B 107 14.58 2.23 -40.77
N ALA B 108 13.90 3.16 -41.42
CA ALA B 108 12.46 3.05 -41.72
C ALA B 108 12.17 3.57 -43.12
N CYS B 109 11.11 3.07 -43.73
N CYS B 109 11.07 3.11 -43.69
CA CYS B 109 10.65 3.61 -45.02
CA CYS B 109 10.60 3.60 -44.98
C CYS B 109 9.50 4.61 -44.81
C CYS B 109 9.48 4.63 -44.80
N LEU B 110 9.66 5.80 -45.40
CA LEU B 110 8.74 6.94 -45.26
C LEU B 110 8.02 7.40 -46.50
N ASN B 111 8.55 7.13 -47.69
CA ASN B 111 7.91 7.51 -48.97
C ASN B 111 6.40 7.77 -48.95
N ASP B 112 5.59 6.75 -48.61
CA ASP B 112 4.13 6.95 -48.37
C ASP B 112 3.57 5.90 -47.40
N PRO B 113 2.36 6.12 -46.85
CA PRO B 113 1.74 5.16 -45.91
C PRO B 113 1.58 3.70 -46.38
N SER B 114 1.46 3.47 -47.70
CA SER B 114 1.39 2.10 -48.27
C SER B 114 2.70 1.33 -48.13
N GLN B 115 3.80 2.09 -48.06
CA GLN B 115 5.17 1.57 -47.91
C GLN B 115 5.79 1.70 -46.51
N PHE B 116 5.05 2.20 -45.52
CA PHE B 116 5.56 2.37 -44.16
C PHE B 116 6.09 1.09 -43.57
N ALA B 117 7.34 1.13 -43.10
CA ALA B 117 8.05 -0.06 -42.58
C ALA B 117 9.23 0.26 -41.68
N ILE B 118 9.47 -0.61 -40.72
CA ILE B 118 10.53 -0.46 -39.77
C ILE B 118 11.52 -1.62 -39.88
N VAL B 119 12.81 -1.31 -39.88
CA VAL B 119 13.85 -2.30 -40.05
C VAL B 119 14.84 -2.25 -38.85
N THR B 120 15.04 -3.39 -38.20
CA THR B 120 16.02 -3.54 -37.13
C THR B 120 16.92 -4.71 -37.43
N GLN B 121 17.91 -4.91 -36.57
CA GLN B 121 18.73 -6.14 -36.59
C GLN B 121 17.84 -7.34 -36.41
N TYR B 122 18.32 -8.47 -36.90
CA TYR B 122 17.68 -9.78 -36.72
C TYR B 122 18.49 -10.58 -35.72
N ILE B 123 17.80 -11.12 -34.72
CA ILE B 123 18.45 -11.86 -33.65
C ILE B 123 18.12 -13.32 -33.91
N SER B 124 19.17 -14.12 -34.12
CA SER B 124 19.00 -15.46 -34.68
C SER B 124 18.56 -16.44 -33.63
N GLY B 125 18.88 -16.20 -32.37
CA GLY B 125 18.57 -17.17 -31.32
C GLY B 125 17.15 -17.17 -30.79
N GLY B 126 16.32 -16.26 -31.31
CA GLY B 126 14.89 -16.26 -31.04
C GLY B 126 14.39 -15.49 -29.85
N SER B 127 13.10 -15.68 -29.60
CA SER B 127 12.41 -15.07 -28.45
C SER B 127 12.61 -15.96 -27.24
N LEU B 128 12.54 -15.32 -26.09
CA LEU B 128 12.54 -15.99 -24.79
C LEU B 128 11.32 -16.89 -24.67
N PHE B 129 10.19 -16.38 -25.14
CA PHE B 129 8.95 -17.18 -25.17
C PHE B 129 9.13 -18.53 -25.86
N SER B 130 9.71 -18.51 -27.05
CA SER B 130 10.03 -19.73 -27.79
C SER B 130 10.95 -20.67 -26.97
N LEU B 131 12.06 -20.12 -26.47
CA LEU B 131 13.02 -20.91 -25.71
C LEU B 131 12.31 -21.63 -24.57
N LEU B 132 11.51 -20.89 -23.80
CA LEU B 132 10.95 -21.42 -22.55
C LEU B 132 9.77 -22.34 -22.77
N HIS B 133 8.87 -21.94 -23.66
CA HIS B 133 7.60 -22.62 -23.77
C HIS B 133 7.41 -23.48 -25.00
N GLU B 134 8.05 -23.16 -26.12
CA GLU B 134 7.94 -23.95 -27.36
C GLU B 134 9.07 -25.01 -27.41
N GLN B 135 10.34 -24.57 -27.44
CA GLN B 135 11.47 -25.49 -27.39
CA GLN B 135 11.52 -25.44 -27.37
C GLN B 135 11.68 -26.06 -25.99
N LYS B 136 10.97 -25.54 -24.99
CA LYS B 136 11.04 -26.07 -23.60
C LYS B 136 12.45 -26.40 -23.11
N ARG B 137 13.41 -25.54 -23.48
CA ARG B 137 14.82 -25.74 -23.15
C ARG B 137 15.02 -25.48 -21.67
N ILE B 138 15.86 -26.28 -21.05
CA ILE B 138 16.12 -26.18 -19.63
C ILE B 138 17.36 -25.31 -19.50
N LEU B 139 17.29 -24.27 -18.66
CA LEU B 139 18.38 -23.32 -18.49
C LEU B 139 18.77 -23.31 -17.06
N ASP B 140 20.04 -23.15 -16.75
CA ASP B 140 20.45 -23.03 -15.34
C ASP B 140 20.32 -21.60 -14.81
N LEU B 141 20.55 -21.45 -13.53
CA LEU B 141 20.32 -20.17 -12.85
C LEU B 141 21.22 -19.08 -13.40
N GLN B 142 22.42 -19.42 -13.82
CA GLN B 142 23.34 -18.41 -14.32
C GLN B 142 22.87 -17.85 -15.67
N SER B 143 22.44 -18.73 -16.57
CA SER B 143 21.84 -18.32 -17.84
C SER B 143 20.58 -17.45 -17.63
N LYS B 144 19.68 -17.93 -16.77
CA LYS B 144 18.45 -17.22 -16.45
C LYS B 144 18.73 -15.83 -15.97
N LEU B 145 19.67 -15.68 -15.05
CA LEU B 145 20.00 -14.36 -14.49
C LEU B 145 20.63 -13.41 -15.49
N ILE B 146 21.50 -13.95 -16.33
CA ILE B 146 22.11 -13.16 -17.41
C ILE B 146 21.04 -12.53 -18.29
N ILE B 147 20.05 -13.33 -18.69
CA ILE B 147 18.88 -12.85 -19.44
C ILE B 147 18.20 -11.74 -18.64
N ALA B 148 17.85 -12.06 -17.41
CA ALA B 148 17.17 -11.14 -16.51
C ALA B 148 17.91 -9.83 -16.34
N VAL B 149 19.25 -9.90 -16.31
CA VAL B 149 20.07 -8.70 -16.13
C VAL B 149 20.10 -7.82 -17.37
N ASP B 150 20.29 -8.44 -18.54
CA ASP B 150 20.33 -7.71 -19.79
C ASP B 150 18.98 -7.00 -20.04
N VAL B 151 17.89 -7.71 -19.81
CA VAL B 151 16.57 -7.09 -19.94
C VAL B 151 16.50 -5.91 -18.99
N ALA B 152 16.85 -6.10 -17.73
CA ALA B 152 16.88 -4.99 -16.79
C ALA B 152 17.80 -3.84 -17.27
N LYS B 153 18.95 -4.17 -17.84
CA LYS B 153 19.87 -3.14 -18.31
C LYS B 153 19.31 -2.31 -19.47
N GLY B 154 18.65 -2.99 -20.40
CA GLY B 154 17.96 -2.29 -21.45
C GLY B 154 16.85 -1.37 -20.95
N MET B 155 16.17 -1.80 -19.89
CA MET B 155 15.03 -1.04 -19.37
C MET B 155 15.52 0.16 -18.55
N GLU B 156 16.62 -0.05 -17.83
CA GLU B 156 17.31 1.03 -17.10
C GLU B 156 17.73 2.10 -18.13
N TYR B 157 18.17 1.67 -19.30
CA TYR B 157 18.57 2.61 -20.33
C TYR B 157 17.38 3.42 -20.84
N LEU B 158 16.30 2.74 -21.20
CA LEU B 158 15.11 3.44 -21.66
C LEU B 158 14.65 4.53 -20.67
N HIS B 159 14.60 4.16 -19.40
CA HIS B 159 13.97 4.97 -18.35
C HIS B 159 14.79 6.15 -17.92
N ASN B 160 16.09 6.05 -18.12
CA ASN B 160 17.01 7.10 -17.72
C ASN B 160 17.52 8.00 -18.82
N LEU B 161 16.95 7.88 -20.01
CA LEU B 161 17.21 8.83 -21.05
C LEU B 161 16.73 10.22 -20.61
N THR B 162 17.29 11.30 -21.19
CA THR B 162 16.85 12.67 -20.90
C THR B 162 15.33 12.74 -21.02
N GLN B 163 14.82 12.27 -22.15
CA GLN B 163 13.40 12.05 -22.31
C GLN B 163 13.10 10.56 -22.20
N PRO B 164 12.61 10.09 -21.02
CA PRO B 164 12.38 8.67 -20.80
C PRO B 164 11.35 8.01 -21.70
N ILE B 165 11.54 6.72 -21.92
CA ILE B 165 10.67 5.94 -22.76
C ILE B 165 10.09 4.78 -21.98
N ILE B 166 8.79 4.62 -22.08
CA ILE B 166 8.09 3.50 -21.51
C ILE B 166 7.92 2.51 -22.65
N HIS B 167 8.34 1.26 -22.43
CA HIS B 167 8.21 0.22 -23.45
C HIS B 167 6.75 -0.10 -23.66
N ARG B 168 6.05 -0.30 -22.54
CA ARG B 168 4.58 -0.58 -22.43
C ARG B 168 4.07 -1.95 -22.93
N ASP B 169 4.91 -2.68 -23.65
CA ASP B 169 4.59 -4.05 -24.08
C ASP B 169 5.65 -5.12 -23.78
N LEU B 170 6.43 -4.94 -22.73
CA LEU B 170 7.46 -5.88 -22.36
C LEU B 170 6.85 -7.24 -21.92
N ASN B 171 7.26 -8.30 -22.61
CA ASN B 171 6.84 -9.70 -22.36
C ASN B 171 7.89 -10.62 -22.98
N SER B 172 7.70 -11.92 -22.83
CA SER B 172 8.72 -12.89 -23.30
C SER B 172 8.79 -13.02 -24.86
N HIS B 173 7.77 -12.54 -25.56
CA HIS B 173 7.84 -12.42 -27.02
C HIS B 173 8.80 -11.34 -27.50
N ASN B 174 8.97 -10.28 -26.70
CA ASN B 174 9.78 -9.12 -27.01
C ASN B 174 11.15 -9.15 -26.38
N ILE B 175 11.48 -10.23 -25.67
CA ILE B 175 12.85 -10.46 -25.21
C ILE B 175 13.52 -11.47 -26.14
N LEU B 176 14.48 -10.98 -26.95
CA LEU B 176 15.14 -11.75 -27.98
C LEU B 176 16.56 -12.10 -27.54
N LEU B 177 17.09 -13.18 -28.13
CA LEU B 177 18.25 -13.88 -27.59
C LEU B 177 19.32 -14.13 -28.62
N TYR B 178 20.51 -13.58 -28.39
CA TYR B 178 21.66 -14.02 -29.15
C TYR B 178 21.93 -15.49 -28.86
N GLU B 179 22.68 -16.10 -29.75
CA GLU B 179 23.08 -17.46 -29.53
C GLU B 179 23.90 -17.57 -28.24
N ASP B 180 24.70 -16.55 -27.90
CA ASP B 180 25.57 -16.64 -26.71
C ASP B 180 24.85 -16.52 -25.39
N GLY B 181 23.55 -16.20 -25.42
CA GLY B 181 22.73 -16.21 -24.23
C GLY B 181 22.32 -14.85 -23.72
N HIS B 182 23.04 -13.81 -24.13
CA HIS B 182 22.62 -12.44 -23.85
C HIS B 182 21.32 -12.09 -24.51
N ALA B 183 20.67 -11.04 -24.01
CA ALA B 183 19.31 -10.69 -24.44
C ALA B 183 19.17 -9.22 -24.81
N VAL B 184 18.13 -8.94 -25.61
CA VAL B 184 17.76 -7.57 -25.95
C VAL B 184 16.24 -7.39 -25.98
N VAL B 185 15.82 -6.16 -25.74
CA VAL B 185 14.42 -5.79 -25.68
C VAL B 185 14.08 -5.30 -27.06
N ALA B 186 12.97 -5.80 -27.59
CA ALA B 186 12.59 -5.49 -28.94
C ALA B 186 11.17 -4.97 -29.01
N ASP B 187 10.78 -4.45 -30.18
CA ASP B 187 9.38 -4.04 -30.47
C ASP B 187 8.79 -2.88 -29.65
N PHE B 188 8.99 -1.68 -30.16
CA PHE B 188 8.56 -0.44 -29.55
C PHE B 188 7.22 0.00 -30.15
N GLY B 189 6.41 -0.99 -30.53
CA GLY B 189 5.16 -0.69 -31.23
C GLY B 189 4.14 0.03 -30.36
N GLU B 190 4.24 -0.17 -29.06
CA GLU B 190 3.35 0.42 -28.08
C GLU B 190 4.07 1.46 -27.22
N SER B 191 5.37 1.66 -27.44
CA SER B 191 6.16 2.60 -26.65
C SER B 191 5.72 4.07 -26.72
N ARG B 192 5.88 4.78 -25.60
CA ARG B 192 5.48 6.19 -25.47
C ARG B 192 6.59 6.95 -24.72
N PHE B 193 6.76 8.22 -25.06
CA PHE B 193 7.61 9.12 -24.28
C PHE B 193 6.90 9.45 -22.98
N LEU B 194 7.64 9.51 -21.86
CA LEU B 194 7.08 9.98 -20.59
C LEU B 194 6.90 11.50 -20.63
N GLN B 195 5.68 11.99 -20.39
CA GLN B 195 5.26 13.37 -20.77
C GLN B 195 6.06 14.56 -20.16
N ASN B 208 -14.06 14.40 -8.87
CA ASN B 208 -13.50 14.18 -7.54
C ASN B 208 -13.29 12.73 -7.12
N LEU B 209 -12.07 12.48 -6.65
CA LEU B 209 -11.48 11.16 -6.62
C LEU B 209 -11.89 10.38 -5.41
N ARG B 210 -12.38 11.07 -4.39
CA ARG B 210 -12.67 10.38 -3.13
C ARG B 210 -13.72 9.27 -3.25
N TRP B 211 -14.60 9.40 -4.27
CA TRP B 211 -15.76 8.55 -4.56
C TRP B 211 -15.59 7.61 -5.78
N MET B 212 -14.47 7.74 -6.49
CA MET B 212 -14.22 6.92 -7.67
C MET B 212 -13.94 5.47 -7.35
N ALA B 213 -14.46 4.60 -8.21
CA ALA B 213 -14.06 3.21 -8.26
C ALA B 213 -12.56 3.12 -8.55
N PRO B 214 -11.85 2.18 -7.89
CA PRO B 214 -10.44 2.06 -8.10
C PRO B 214 -10.06 2.04 -9.56
N GLU B 215 -10.81 1.29 -10.35
CA GLU B 215 -10.51 1.21 -11.79
C GLU B 215 -10.69 2.55 -12.52
N VAL B 216 -11.62 3.37 -12.05
CA VAL B 216 -11.81 4.71 -12.56
C VAL B 216 -10.74 5.65 -12.08
N PHE B 217 -10.33 5.52 -10.84
CA PHE B 217 -9.13 6.22 -10.33
C PHE B 217 -7.92 5.85 -11.16
N THR B 218 -7.78 4.55 -11.46
CA THR B 218 -6.63 4.07 -12.24
C THR B 218 -6.63 4.58 -13.70
N GLN B 219 -7.80 4.63 -14.33
CA GLN B 219 -8.00 5.22 -15.68
C GLN B 219 -7.63 6.70 -15.81
N CYS B 220 -7.95 7.49 -14.78
N CYS B 220 -7.94 7.49 -14.78
CA CYS B 220 -7.64 8.93 -14.76
CA CYS B 220 -7.64 8.94 -14.78
C CYS B 220 -6.19 9.24 -14.35
C CYS B 220 -6.23 9.28 -14.26
N THR B 221 -5.51 8.30 -13.71
CA THR B 221 -4.15 8.53 -13.15
C THR B 221 -3.09 8.86 -14.23
N ARG B 222 -2.92 7.97 -15.21
CA ARG B 222 -1.88 8.08 -16.28
C ARG B 222 -0.59 7.41 -15.84
N TYR B 223 -0.19 6.44 -16.64
CA TYR B 223 0.89 5.57 -16.28
C TYR B 223 2.26 6.19 -16.53
N THR B 224 3.23 5.57 -15.87
CA THR B 224 4.58 6.01 -15.78
C THR B 224 5.49 4.88 -16.27
N ILE B 225 6.78 5.11 -16.18
CA ILE B 225 7.76 4.02 -16.42
C ILE B 225 7.58 2.77 -15.55
N LYS B 226 6.89 2.92 -14.43
CA LYS B 226 6.70 1.82 -13.50
C LYS B 226 5.84 0.69 -14.06
N ALA B 227 4.98 1.02 -15.02
CA ALA B 227 4.25 0.02 -15.73
C ALA B 227 5.21 -1.01 -16.33
N ASP B 228 6.40 -0.59 -16.77
CA ASP B 228 7.41 -1.56 -17.27
C ASP B 228 7.94 -2.50 -16.19
N VAL B 229 8.11 -1.97 -15.00
CA VAL B 229 8.63 -2.77 -13.88
C VAL B 229 7.69 -3.92 -13.49
N PHE B 230 6.39 -3.67 -13.51
CA PHE B 230 5.42 -4.74 -13.29
C PHE B 230 5.55 -5.87 -14.33
N SER B 231 5.54 -5.50 -15.61
CA SER B 231 5.75 -6.42 -16.73
C SER B 231 7.05 -7.18 -16.53
N TYR B 232 8.15 -6.45 -16.29
CA TYR B 232 9.44 -7.07 -16.00
C TYR B 232 9.35 -8.16 -14.96
N ALA B 233 8.63 -7.86 -13.89
CA ALA B 233 8.52 -8.74 -12.76
C ALA B 233 7.88 -10.08 -13.14
N LEU B 234 6.78 -10.00 -13.88
CA LEU B 234 6.19 -11.20 -14.43
C LEU B 234 7.20 -11.93 -15.34
N CYS B 235 7.87 -11.18 -16.22
CA CYS B 235 8.93 -11.76 -17.00
C CYS B 235 10.00 -12.53 -16.15
N LEU B 236 10.42 -11.92 -15.06
CA LEU B 236 11.39 -12.56 -14.11
C LEU B 236 10.86 -13.89 -13.50
N TRP B 237 9.60 -13.86 -13.09
CA TRP B 237 8.97 -15.04 -12.55
C TRP B 237 8.89 -16.09 -13.62
N GLU B 238 8.50 -15.68 -14.83
CA GLU B 238 8.41 -16.58 -15.99
C GLU B 238 9.77 -17.20 -16.32
N ILE B 239 10.86 -16.46 -16.16
CA ILE B 239 12.21 -16.98 -16.35
C ILE B 239 12.55 -18.04 -15.31
N LEU B 240 12.28 -17.75 -14.03
CA LEU B 240 12.72 -18.61 -12.96
C LEU B 240 11.94 -19.90 -12.93
N THR B 241 10.62 -19.80 -13.03
CA THR B 241 9.75 -20.98 -13.01
C THR B 241 9.81 -21.75 -14.35
N GLY B 242 9.84 -21.02 -15.45
CA GLY B 242 9.79 -21.58 -16.78
C GLY B 242 8.35 -21.63 -17.29
N GLU B 243 7.44 -20.99 -16.58
CA GLU B 243 6.03 -21.04 -16.87
C GLU B 243 5.48 -19.67 -17.29
N ILE B 244 4.48 -19.71 -18.16
CA ILE B 244 3.73 -18.55 -18.62
C ILE B 244 2.96 -18.14 -17.40
N PRO B 245 2.82 -16.83 -17.14
CA PRO B 245 2.06 -16.40 -15.97
C PRO B 245 0.57 -16.77 -16.04
N PHE B 246 0.05 -17.47 -15.04
CA PHE B 246 -1.34 -17.95 -15.10
C PHE B 246 -1.63 -18.81 -16.38
N ALA B 247 -0.76 -19.77 -16.67
CA ALA B 247 -0.84 -20.56 -17.89
C ALA B 247 -2.23 -21.16 -18.17
N HIS B 248 -2.93 -21.49 -17.10
CA HIS B 248 -4.31 -22.02 -17.16
C HIS B 248 -5.44 -20.99 -17.47
N LEU B 249 -5.12 -19.70 -17.46
CA LEU B 249 -6.07 -18.67 -17.82
C LEU B 249 -5.71 -18.02 -19.11
N LYS B 250 -6.73 -17.48 -19.77
CA LYS B 250 -6.56 -16.67 -20.97
C LYS B 250 -6.10 -15.29 -20.59
N PRO B 251 -5.45 -14.57 -21.51
CA PRO B 251 -4.79 -13.30 -21.19
C PRO B 251 -5.65 -12.31 -20.40
N ALA B 252 -6.87 -12.10 -20.86
CA ALA B 252 -7.82 -11.20 -20.23
C ALA B 252 -8.20 -11.64 -18.82
N ALA B 253 -8.36 -12.95 -18.64
CA ALA B 253 -8.68 -13.49 -17.32
C ALA B 253 -7.51 -13.28 -16.35
N ALA B 254 -6.27 -13.47 -16.87
CA ALA B 254 -5.05 -13.20 -16.11
C ALA B 254 -5.00 -11.71 -15.74
N ALA B 255 -5.17 -10.84 -16.72
CA ALA B 255 -5.19 -9.40 -16.51
C ALA B 255 -6.20 -8.92 -15.46
N ALA B 256 -7.38 -9.57 -15.47
CA ALA B 256 -8.49 -9.24 -14.55
C ALA B 256 -8.11 -9.62 -13.11
N ASP B 257 -7.73 -10.88 -12.94
CA ASP B 257 -7.31 -11.43 -11.65
C ASP B 257 -6.19 -10.60 -11.02
N MET B 258 -5.25 -10.11 -11.81
CA MET B 258 -4.15 -9.35 -11.26
C MET B 258 -4.63 -7.95 -10.84
N ALA B 259 -5.53 -7.39 -11.62
CA ALA B 259 -5.92 -5.98 -11.48
C ALA B 259 -7.07 -5.77 -10.55
N TYR B 260 -7.95 -6.76 -10.46
CA TYR B 260 -9.15 -6.64 -9.64
C TYR B 260 -9.01 -7.46 -8.37
N HIS B 261 -8.97 -8.79 -8.50
CA HIS B 261 -8.79 -9.68 -7.34
C HIS B 261 -7.39 -9.58 -6.65
N HIS B 262 -6.45 -8.78 -7.17
CA HIS B 262 -5.09 -8.59 -6.59
C HIS B 262 -4.15 -9.82 -6.52
N ILE B 263 -4.40 -10.84 -7.33
CA ILE B 263 -3.60 -12.07 -7.35
C ILE B 263 -2.29 -11.90 -8.12
N ARG B 264 -1.27 -12.61 -7.67
CA ARG B 264 -0.01 -12.63 -8.36
C ARG B 264 0.38 -14.09 -8.42
N PRO B 265 1.30 -14.45 -9.31
CA PRO B 265 1.68 -15.89 -9.38
C PRO B 265 2.33 -16.41 -8.11
N PRO B 266 2.25 -17.73 -7.89
CA PRO B 266 2.77 -18.27 -6.66
C PRO B 266 4.27 -18.10 -6.62
N ILE B 267 4.76 -17.59 -5.50
CA ILE B 267 6.19 -17.55 -5.21
C ILE B 267 6.47 -18.74 -4.28
N GLY B 268 7.11 -19.77 -4.84
CA GLY B 268 7.55 -20.90 -4.07
C GLY B 268 8.61 -20.48 -3.05
N TYR B 269 8.80 -21.28 -2.01
CA TYR B 269 9.91 -21.06 -1.07
C TYR B 269 11.31 -21.26 -1.74
N SER B 270 11.39 -22.16 -2.72
CA SER B 270 12.63 -22.40 -3.47
C SER B 270 13.27 -21.18 -4.20
N ILE B 271 12.48 -20.11 -4.43
CA ILE B 271 12.98 -18.87 -5.06
C ILE B 271 13.90 -18.10 -4.09
N PRO B 272 15.14 -17.81 -4.50
CA PRO B 272 16.09 -17.09 -3.62
C PRO B 272 15.57 -15.77 -3.16
N LYS B 273 15.85 -15.43 -1.89
CA LYS B 273 15.33 -14.19 -1.26
C LYS B 273 15.46 -12.86 -2.04
N PRO B 274 16.67 -12.52 -2.55
CA PRO B 274 16.82 -11.23 -3.25
C PRO B 274 15.84 -11.11 -4.43
N ILE B 275 15.62 -12.23 -5.10
CA ILE B 275 14.74 -12.30 -6.24
C ILE B 275 13.29 -12.17 -5.80
N SER B 276 12.86 -12.98 -4.82
CA SER B 276 11.45 -12.93 -4.42
C SER B 276 11.08 -11.52 -3.94
N SER B 277 12.03 -10.88 -3.26
CA SER B 277 11.93 -9.46 -2.94
C SER B 277 11.67 -8.56 -4.17
N LEU B 278 12.54 -8.59 -5.18
CA LEU B 278 12.24 -7.89 -6.43
C LEU B 278 10.85 -8.22 -6.95
N LEU B 279 10.48 -9.49 -6.95
CA LEU B 279 9.19 -9.90 -7.47
C LEU B 279 8.08 -9.24 -6.71
N ILE B 280 8.15 -9.34 -5.39
CA ILE B 280 7.09 -8.82 -4.53
C ILE B 280 6.95 -7.34 -4.75
N ARG B 281 8.07 -6.60 -4.70
CA ARG B 281 8.01 -5.13 -4.87
C ARG B 281 7.64 -4.78 -6.28
N GLY B 282 8.31 -5.42 -7.22
CA GLY B 282 8.09 -5.23 -8.65
C GLY B 282 6.65 -5.31 -9.09
N TRP B 283 5.87 -6.20 -8.53
CA TRP B 283 4.51 -6.32 -9.01
C TRP B 283 3.45 -5.81 -8.05
N ASN B 284 3.87 -4.83 -7.27
CA ASN B 284 3.01 -4.10 -6.35
C ASN B 284 1.95 -3.35 -7.09
N ALA B 285 0.69 -3.50 -6.69
CA ALA B 285 -0.37 -2.77 -7.35
C ALA B 285 -0.08 -1.26 -7.35
N CYS B 286 0.48 -0.73 -6.25
CA CYS B 286 0.86 0.69 -6.20
C CYS B 286 2.14 0.89 -6.99
N PRO B 287 2.02 1.49 -8.20
CA PRO B 287 3.21 1.68 -9.02
C PRO B 287 4.37 2.33 -8.29
N GLU B 288 4.08 3.35 -7.47
CA GLU B 288 5.12 4.14 -6.80
C GLU B 288 5.99 3.27 -5.90
N GLY B 289 5.48 2.11 -5.48
CA GLY B 289 6.25 1.14 -4.70
C GLY B 289 7.13 0.13 -5.44
N ARG B 290 7.26 0.24 -6.76
CA ARG B 290 8.05 -0.72 -7.53
C ARG B 290 9.45 -0.19 -7.71
N PRO B 291 10.46 -1.04 -7.66
CA PRO B 291 11.81 -0.52 -7.76
C PRO B 291 12.11 0.15 -9.08
N GLU B 292 13.13 1.01 -9.05
CA GLU B 292 13.71 1.53 -10.28
C GLU B 292 14.68 0.53 -10.84
N PHE B 293 14.77 0.47 -12.15
CA PHE B 293 15.56 -0.58 -12.76
C PHE B 293 17.05 -0.56 -12.41
N SER B 294 17.57 0.63 -12.10
CA SER B 294 18.96 0.77 -11.61
C SER B 294 19.17 -0.13 -10.41
N GLU B 295 18.24 -0.12 -9.46
CA GLU B 295 18.26 -1.08 -8.33
C GLU B 295 18.07 -2.57 -8.72
N VAL B 296 17.12 -2.81 -9.60
CA VAL B 296 16.87 -4.14 -10.12
C VAL B 296 18.16 -4.69 -10.71
N VAL B 297 18.91 -3.82 -11.41
CA VAL B 297 20.22 -4.19 -11.98
C VAL B 297 21.25 -4.48 -10.88
N MET B 298 21.33 -3.60 -9.88
N MET B 298 21.34 -3.60 -9.89
CA MET B 298 22.27 -3.77 -8.76
CA MET B 298 22.30 -3.78 -8.81
C MET B 298 22.04 -5.14 -8.13
C MET B 298 22.05 -5.09 -8.07
N LYS B 299 20.79 -5.45 -7.82
CA LYS B 299 20.48 -6.64 -7.03
C LYS B 299 20.74 -7.90 -7.83
N LEU B 300 20.43 -7.90 -9.11
CA LEU B 300 20.69 -9.09 -9.91
C LEU B 300 22.18 -9.36 -10.21
N GLU B 301 22.98 -8.31 -10.41
CA GLU B 301 24.44 -8.45 -10.60
C GLU B 301 25.13 -8.96 -9.32
N GLU B 302 24.63 -8.48 -8.19
CA GLU B 302 24.98 -8.97 -6.86
C GLU B 302 24.70 -10.49 -6.78
N CYS B 303 23.52 -10.93 -7.26
CA CYS B 303 23.18 -12.37 -7.32
C CYS B 303 24.12 -13.14 -8.21
N LEU B 304 24.53 -12.55 -9.33
CA LEU B 304 25.45 -13.23 -10.26
C LEU B 304 26.76 -13.55 -9.64
N CYS B 305 27.32 -12.61 -8.89
N CYS B 305 27.32 -12.61 -8.88
CA CYS B 305 28.59 -12.88 -8.25
CA CYS B 305 28.62 -12.87 -8.25
C CYS B 305 28.55 -14.07 -7.26
C CYS B 305 28.57 -14.04 -7.21
N ASN B 306 27.38 -14.35 -6.64
CA ASN B 306 27.16 -15.56 -5.74
C ASN B 306 26.60 -16.86 -6.42
N ILE B 307 26.37 -16.82 -7.74
CA ILE B 307 25.77 -17.92 -8.54
C ILE B 307 26.79 -18.97 -8.87
N GLY C 32 -27.16 16.62 -33.62
CA GLY C 32 -27.43 15.57 -32.57
C GLY C 32 -28.50 15.74 -31.48
N LEU C 33 -29.13 16.94 -31.37
CA LEU C 33 -30.15 17.28 -30.36
C LEU C 33 -31.52 17.69 -30.97
N PRO C 34 -32.60 16.94 -30.68
CA PRO C 34 -33.93 17.37 -31.10
C PRO C 34 -34.13 18.91 -30.96
N SER C 35 -34.54 19.58 -32.04
CA SER C 35 -34.49 21.05 -32.09
C SER C 35 -35.38 21.73 -31.05
N HIS C 36 -36.45 21.10 -30.58
CA HIS C 36 -37.27 21.68 -29.51
C HIS C 36 -36.55 21.87 -28.17
N PHE C 37 -35.43 21.14 -27.99
CA PHE C 37 -34.47 21.38 -26.89
C PHE C 37 -33.46 22.51 -27.13
N HIS C 38 -33.39 23.08 -28.34
CA HIS C 38 -32.48 24.19 -28.63
C HIS C 38 -33.02 25.42 -27.89
N LEU C 39 -32.14 26.06 -27.13
CA LEU C 39 -32.42 27.32 -26.43
C LEU C 39 -31.56 28.41 -27.04
N GLN C 40 -32.10 29.62 -27.12
CA GLN C 40 -31.30 30.81 -27.38
C GLN C 40 -31.09 31.47 -26.05
N LEU C 41 -29.99 32.20 -25.92
CA LEU C 41 -29.59 32.80 -24.64
C LEU C 41 -30.67 33.74 -24.02
N SER C 42 -31.36 34.50 -24.87
CA SER C 42 -32.48 35.35 -24.44
C SER C 42 -33.67 34.61 -23.75
N GLU C 43 -33.77 33.29 -23.91
CA GLU C 43 -34.82 32.50 -23.26
C GLU C 43 -34.48 32.19 -21.81
N ILE C 44 -33.21 32.35 -21.46
CA ILE C 44 -32.71 32.10 -20.11
C ILE C 44 -32.57 33.45 -19.40
N GLU C 45 -33.28 33.55 -18.30
CA GLU C 45 -33.20 34.66 -17.36
C GLU C 45 -32.24 34.17 -16.26
N PHE C 46 -31.22 34.98 -15.99
CA PHE C 46 -30.13 34.64 -15.04
C PHE C 46 -30.30 35.34 -13.68
N HIS C 47 -30.11 34.58 -12.59
CA HIS C 47 -30.16 35.11 -11.23
C HIS C 47 -28.78 34.84 -10.58
N GLU C 48 -28.77 34.41 -9.32
CA GLU C 48 -27.53 34.31 -8.54
C GLU C 48 -26.69 33.11 -8.90
N ILE C 49 -25.39 33.25 -8.66
CA ILE C 49 -24.42 32.20 -8.93
C ILE C 49 -24.53 31.13 -7.85
N ILE C 50 -24.66 29.88 -8.25
CA ILE C 50 -24.73 28.73 -7.31
C ILE C 50 -23.54 27.76 -7.40
N GLY C 51 -22.61 27.96 -8.32
CA GLY C 51 -21.42 27.14 -8.38
C GLY C 51 -20.38 27.73 -9.29
N SER C 52 -19.13 27.28 -9.12
CA SER C 52 -17.98 27.79 -9.87
C SER C 52 -16.84 26.78 -10.00
N GLY C 53 -15.90 27.05 -10.91
CA GLY C 53 -14.73 26.19 -11.12
C GLY C 53 -13.93 26.53 -12.37
N PHE C 55 -14.12 24.87 -15.10
CA PHE C 55 -15.19 24.54 -16.04
C PHE C 55 -16.05 25.75 -16.44
N GLY C 56 -16.26 26.67 -15.50
CA GLY C 56 -17.19 27.79 -15.67
C GLY C 56 -18.02 28.00 -14.41
N LYS C 57 -19.16 28.67 -14.54
CA LYS C 57 -20.05 28.94 -13.41
C LYS C 57 -21.39 28.21 -13.62
N VAL C 58 -22.04 27.79 -12.54
CA VAL C 58 -23.45 27.33 -12.59
C VAL C 58 -24.32 28.42 -11.97
N TYR C 59 -25.46 28.68 -12.59
CA TYR C 59 -26.35 29.76 -12.19
C TYR C 59 -27.71 29.21 -11.76
N LYS C 60 -28.36 29.92 -10.85
CA LYS C 60 -29.78 29.77 -10.68
C LYS C 60 -30.45 30.70 -11.70
N GLY C 61 -31.63 30.32 -12.19
CA GLY C 61 -32.36 31.15 -13.16
C GLY C 61 -33.80 30.77 -13.39
N ARG C 62 -34.36 31.35 -14.43
CA ARG C 62 -35.72 31.06 -14.88
C ARG C 62 -35.63 30.76 -16.40
N CYS C 63 -36.42 29.80 -16.88
CA CYS C 63 -36.43 29.44 -18.32
C CYS C 63 -37.70 28.65 -18.61
N ARG C 64 -38.47 29.08 -19.59
CA ARG C 64 -39.70 28.39 -19.98
C ARG C 64 -40.58 28.04 -18.79
N ASN C 65 -40.84 29.05 -17.96
CA ASN C 65 -41.87 29.01 -16.94
C ASN C 65 -41.57 28.01 -15.84
N LYS C 66 -40.29 27.85 -15.57
CA LYS C 66 -39.82 26.97 -14.49
C LYS C 66 -38.47 27.49 -13.96
N ILE C 67 -38.22 27.21 -12.68
CA ILE C 67 -36.99 27.65 -12.03
C ILE C 67 -35.91 26.61 -12.42
N VAL C 68 -34.74 27.10 -12.80
CA VAL C 68 -33.73 26.26 -13.43
C VAL C 68 -32.33 26.52 -12.87
N ALA C 69 -31.47 25.52 -13.11
CA ALA C 69 -30.04 25.64 -12.90
C ALA C 69 -29.40 25.62 -14.29
N ILE C 70 -28.52 26.59 -14.53
CA ILE C 70 -27.88 26.79 -15.85
C ILE C 70 -26.37 26.63 -15.77
N LYS C 71 -25.83 25.49 -16.20
CA LYS C 71 -24.37 25.32 -16.29
C LYS C 71 -23.89 26.07 -17.52
N ARG C 72 -22.75 26.73 -17.43
CA ARG C 72 -22.19 27.53 -18.53
C ARG C 72 -20.71 27.15 -18.70
N TYR C 73 -20.26 26.96 -19.94
CA TYR C 73 -18.89 26.46 -20.22
C TYR C 73 -18.09 27.43 -21.14
N SER C 82 -12.00 20.02 -29.55
CA SER C 82 -11.63 19.13 -28.45
C SER C 82 -12.60 19.17 -27.25
N ASP C 83 -12.73 20.34 -26.65
CA ASP C 83 -13.72 20.60 -25.57
C ASP C 83 -15.18 20.56 -26.07
N VAL C 84 -15.36 20.68 -27.39
CA VAL C 84 -16.70 20.68 -28.01
C VAL C 84 -17.24 19.27 -28.06
N ASP C 85 -16.37 18.28 -28.28
CA ASP C 85 -16.74 16.86 -28.18
C ASP C 85 -17.39 16.52 -26.83
N MET C 86 -16.85 17.07 -25.74
CA MET C 86 -17.41 16.80 -24.41
C MET C 86 -18.80 17.41 -24.19
N PHE C 87 -19.00 18.63 -24.69
CA PHE C 87 -20.30 19.27 -24.60
C PHE C 87 -21.39 18.61 -25.47
N CYS C 88 -21.05 18.14 -26.66
CA CYS C 88 -22.03 17.34 -27.42
C CYS C 88 -22.42 16.05 -26.71
N ARG C 89 -21.43 15.41 -26.13
CA ARG C 89 -21.63 14.18 -25.37
C ARG C 89 -22.53 14.46 -24.20
N GLU C 90 -22.21 15.48 -23.42
CA GLU C 90 -23.03 15.82 -22.24
C GLU C 90 -24.50 16.07 -22.65
N VAL C 91 -24.68 16.91 -23.66
CA VAL C 91 -25.99 17.26 -24.20
C VAL C 91 -26.78 16.05 -24.76
N SER C 92 -26.08 15.18 -25.48
CA SER C 92 -26.70 14.01 -26.11
C SER C 92 -27.11 12.99 -25.07
N ILE C 93 -26.45 13.02 -23.92
CA ILE C 93 -26.85 12.19 -22.78
C ILE C 93 -28.09 12.80 -22.10
N LEU C 94 -28.00 14.06 -21.74
CA LEU C 94 -29.11 14.72 -21.02
C LEU C 94 -30.46 14.61 -21.70
N CYS C 95 -30.49 14.68 -23.01
CA CYS C 95 -31.77 14.62 -23.71
C CYS C 95 -32.43 13.25 -23.72
N GLN C 96 -31.66 12.18 -23.47
CA GLN C 96 -32.22 10.83 -23.33
C GLN C 96 -32.96 10.60 -22.01
N LEU C 97 -32.68 11.44 -21.02
CA LEU C 97 -33.11 11.23 -19.66
C LEU C 97 -34.57 11.62 -19.51
N ASN C 98 -35.34 10.76 -18.83
CA ASN C 98 -36.71 11.04 -18.38
C ASN C 98 -37.03 10.06 -17.25
N HIS C 99 -36.79 10.50 -16.02
CA HIS C 99 -37.03 9.65 -14.87
C HIS C 99 -37.11 10.55 -13.61
N PRO C 100 -38.02 10.25 -12.65
CA PRO C 100 -38.18 11.18 -11.52
C PRO C 100 -37.00 11.32 -10.58
N CYS C 101 -36.11 10.31 -10.60
CA CYS C 101 -34.84 10.25 -9.80
C CYS C 101 -33.57 10.72 -10.52
N VAL C 102 -33.74 11.34 -11.68
CA VAL C 102 -32.68 11.96 -12.46
C VAL C 102 -33.12 13.39 -12.79
N ILE C 103 -32.15 14.28 -12.90
CA ILE C 103 -32.40 15.72 -13.11
C ILE C 103 -33.21 15.85 -14.42
N GLN C 104 -34.24 16.68 -14.45
CA GLN C 104 -34.98 16.96 -15.69
C GLN C 104 -34.21 17.92 -16.56
N PHE C 105 -34.00 17.54 -17.82
CA PHE C 105 -33.36 18.39 -18.82
C PHE C 105 -34.37 19.35 -19.44
N VAL C 106 -34.05 20.65 -19.45
CA VAL C 106 -34.91 21.66 -20.07
C VAL C 106 -34.42 21.95 -21.47
N GLY C 107 -33.11 21.97 -21.65
CA GLY C 107 -32.56 22.27 -22.95
C GLY C 107 -31.13 22.73 -22.86
N ALA C 108 -30.57 23.06 -24.01
CA ALA C 108 -29.20 23.57 -24.10
C ALA C 108 -29.10 24.70 -25.12
N CYS C 109 -28.12 25.58 -24.94
CA CYS C 109 -27.81 26.56 -25.94
C CYS C 109 -26.64 26.01 -26.77
N LEU C 110 -26.76 26.14 -28.09
CA LEU C 110 -25.78 25.59 -29.02
C LEU C 110 -25.17 26.58 -30.02
N ASN C 111 -25.75 27.79 -30.21
CA ASN C 111 -25.28 28.78 -31.21
C ASN C 111 -23.80 28.82 -31.56
N ASP C 112 -22.95 29.17 -30.60
CA ASP C 112 -21.47 29.13 -30.74
C ASP C 112 -20.78 28.58 -29.47
N PRO C 113 -19.46 28.28 -29.57
CA PRO C 113 -18.68 27.83 -28.38
C PRO C 113 -18.71 28.77 -27.15
N SER C 114 -18.82 30.08 -27.35
CA SER C 114 -18.85 31.03 -26.24
C SER C 114 -20.22 31.10 -25.51
N GLN C 115 -21.26 30.54 -26.12
CA GLN C 115 -22.63 30.57 -25.57
C GLN C 115 -23.14 29.20 -25.07
N PHE C 116 -22.27 28.19 -25.01
CA PHE C 116 -22.68 26.86 -24.57
C PHE C 116 -23.23 26.90 -23.15
N ALA C 117 -24.49 26.44 -23.01
CA ALA C 117 -25.19 26.39 -21.74
C ALA C 117 -26.07 25.14 -21.66
N ILE C 118 -26.13 24.55 -20.48
CA ILE C 118 -27.01 23.45 -20.22
C ILE C 118 -27.98 23.83 -19.12
N VAL C 119 -29.27 23.77 -19.43
CA VAL C 119 -30.34 24.10 -18.50
C VAL C 119 -31.07 22.84 -18.04
N THR C 120 -31.15 22.66 -16.71
CA THR C 120 -31.95 21.61 -16.07
C THR C 120 -32.85 22.24 -15.04
N GLN C 121 -33.78 21.46 -14.48
CA GLN C 121 -34.62 21.96 -13.39
C GLN C 121 -33.72 22.23 -12.20
N TYR C 122 -34.20 23.11 -11.31
CA TYR C 122 -33.50 23.49 -10.09
C TYR C 122 -34.13 22.80 -8.88
N ILE C 123 -33.31 22.13 -8.09
CA ILE C 123 -33.73 21.33 -6.95
C ILE C 123 -33.50 22.15 -5.66
N SER C 124 -34.61 22.62 -5.07
CA SER C 124 -34.55 23.60 -3.97
C SER C 124 -33.74 23.15 -2.76
N GLY C 125 -33.76 21.86 -2.42
CA GLY C 125 -33.24 21.39 -1.13
C GLY C 125 -31.76 21.11 -1.05
N GLY C 126 -30.99 21.47 -2.08
CA GLY C 126 -29.51 21.50 -2.00
C GLY C 126 -28.91 20.17 -2.31
N SER C 127 -27.60 20.07 -2.09
CA SER C 127 -26.88 18.82 -2.30
C SER C 127 -26.98 17.98 -1.04
N LEU C 128 -26.96 16.67 -1.19
CA LEU C 128 -26.90 15.76 -0.07
C LEU C 128 -25.65 15.98 0.73
N PHE C 129 -24.55 16.34 0.05
CA PHE C 129 -23.25 16.59 0.72
C PHE C 129 -23.39 17.66 1.82
N SER C 130 -24.11 18.70 1.47
CA SER C 130 -24.41 19.76 2.40
C SER C 130 -25.30 19.35 3.58
N LEU C 131 -26.43 18.72 3.29
CA LEU C 131 -27.31 18.20 4.32
C LEU C 131 -26.52 17.35 5.33
N LEU C 132 -25.66 16.46 4.83
CA LEU C 132 -24.92 15.55 5.71
C LEU C 132 -23.80 16.24 6.47
N HIS C 133 -23.07 17.14 5.80
CA HIS C 133 -21.75 17.62 6.29
C HIS C 133 -21.60 19.09 6.60
N GLU C 134 -22.49 19.91 6.07
CA GLU C 134 -22.49 21.34 6.40
C GLU C 134 -23.64 21.72 7.35
N GLN C 135 -24.87 21.48 6.93
CA GLN C 135 -26.03 21.61 7.82
C GLN C 135 -26.05 20.58 8.95
N LYS C 136 -25.38 19.45 8.79
CA LYS C 136 -25.31 18.44 9.82
C LYS C 136 -26.69 18.02 10.39
N ARG C 137 -27.72 17.94 9.52
CA ARG C 137 -29.09 17.62 9.97
C ARG C 137 -29.22 16.13 10.31
N ILE C 138 -29.92 15.82 11.42
CA ILE C 138 -30.15 14.45 11.87
C ILE C 138 -31.34 13.86 11.09
N LEU C 139 -31.11 12.70 10.47
CA LEU C 139 -32.12 11.98 9.73
C LEU C 139 -32.39 10.63 10.35
N ASP C 140 -33.67 10.28 10.45
CA ASP C 140 -34.10 8.90 10.80
C ASP C 140 -33.60 7.91 9.73
N LEU C 141 -33.52 6.63 10.08
CA LEU C 141 -33.20 5.59 9.11
C LEU C 141 -34.10 5.64 7.86
N GLN C 142 -35.37 5.97 8.01
CA GLN C 142 -36.27 6.03 6.87
C GLN C 142 -35.84 7.13 5.85
N SER C 143 -35.69 8.35 6.33
CA SER C 143 -35.26 9.47 5.48
C SER C 143 -33.97 9.16 4.71
N LYS C 144 -33.06 8.42 5.34
CA LYS C 144 -31.82 7.98 4.70
C LYS C 144 -32.10 7.00 3.56
N LEU C 145 -32.88 5.96 3.84
CA LEU C 145 -33.20 4.94 2.84
C LEU C 145 -34.06 5.44 1.70
N ILE C 146 -34.88 6.45 1.94
CA ILE C 146 -35.63 7.11 0.86
C ILE C 146 -34.68 7.75 -0.17
N ILE C 147 -33.65 8.44 0.31
CA ILE C 147 -32.62 8.99 -0.54
C ILE C 147 -31.85 7.87 -1.26
N ALA C 148 -31.39 6.90 -0.48
CA ALA C 148 -30.65 5.78 -1.02
C ALA C 148 -31.44 5.05 -2.12
N VAL C 149 -32.71 4.79 -1.88
CA VAL C 149 -33.51 4.11 -2.89
C VAL C 149 -33.67 4.99 -4.12
N ASP C 150 -34.00 6.26 -3.90
CA ASP C 150 -34.13 7.19 -5.00
C ASP C 150 -32.87 7.22 -5.85
N VAL C 151 -31.72 7.45 -5.22
CA VAL C 151 -30.46 7.43 -5.98
C VAL C 151 -30.31 6.10 -6.71
N ALA C 152 -30.55 4.99 -6.03
CA ALA C 152 -30.48 3.65 -6.63
C ALA C 152 -31.40 3.42 -7.82
N LYS C 153 -32.67 3.79 -7.69
CA LYS C 153 -33.65 3.70 -8.80
C LYS C 153 -33.24 4.52 -10.04
N GLY C 154 -32.69 5.73 -9.78
CA GLY C 154 -32.18 6.62 -10.83
C GLY C 154 -31.02 5.97 -11.57
N MET C 155 -30.15 5.29 -10.82
CA MET C 155 -28.98 4.64 -11.41
C MET C 155 -29.41 3.41 -12.20
N GLU C 156 -30.35 2.66 -11.64
CA GLU C 156 -30.95 1.53 -12.36
C GLU C 156 -31.47 1.98 -13.73
N TYR C 157 -32.18 3.10 -13.74
CA TYR C 157 -32.75 3.64 -14.96
C TYR C 157 -31.62 3.91 -15.98
N LEU C 158 -30.57 4.62 -15.55
CA LEU C 158 -29.40 4.89 -16.41
C LEU C 158 -28.83 3.60 -16.95
N HIS C 159 -28.55 2.63 -16.09
CA HIS C 159 -27.89 1.37 -16.48
C HIS C 159 -28.72 0.47 -17.38
N ASN C 160 -30.04 0.61 -17.34
CA ASN C 160 -30.95 -0.22 -18.15
C ASN C 160 -31.63 0.43 -19.33
N LEU C 161 -31.21 1.64 -19.69
CA LEU C 161 -31.57 2.20 -20.99
C LEU C 161 -31.12 1.24 -22.12
N THR C 162 -31.76 1.33 -23.29
CA THR C 162 -31.41 0.48 -24.42
C THR C 162 -29.94 0.67 -24.75
N GLN C 163 -29.50 1.92 -24.70
CA GLN C 163 -28.09 2.25 -24.71
C GLN C 163 -27.71 2.80 -23.32
N PRO C 164 -27.19 1.93 -22.44
CA PRO C 164 -26.82 2.33 -21.07
C PRO C 164 -25.88 3.54 -20.97
N ILE C 165 -26.10 4.32 -19.90
CA ILE C 165 -25.27 5.47 -19.51
C ILE C 165 -24.52 5.17 -18.20
N ILE C 166 -23.23 5.51 -18.19
CA ILE C 166 -22.43 5.47 -16.98
C ILE C 166 -22.38 6.88 -16.44
N HIS C 167 -22.68 7.09 -15.18
CA HIS C 167 -22.64 8.45 -14.63
C HIS C 167 -21.21 8.87 -14.41
N ARG C 168 -20.37 7.92 -13.99
CA ARG C 168 -18.91 8.12 -13.85
C ARG C 168 -18.45 9.08 -12.75
N ASP C 169 -19.38 9.65 -12.00
CA ASP C 169 -19.03 10.72 -11.05
C ASP C 169 -20.04 10.85 -9.92
N LEU C 170 -20.60 9.71 -9.49
CA LEU C 170 -21.66 9.71 -8.48
C LEU C 170 -21.05 10.05 -7.13
N ASN C 171 -21.66 11.04 -6.49
CA ASN C 171 -21.29 11.45 -5.15
C ASN C 171 -22.35 12.37 -4.55
N SER C 172 -22.19 12.66 -3.25
CA SER C 172 -23.12 13.49 -2.53
C SER C 172 -23.12 14.94 -2.99
N HIS C 173 -22.15 15.39 -3.78
CA HIS C 173 -22.25 16.70 -4.46
C HIS C 173 -23.30 16.67 -5.60
N ASN C 174 -23.33 15.55 -6.33
CA ASN C 174 -24.20 15.39 -7.49
C ASN C 174 -25.50 14.67 -7.21
N ILE C 175 -25.81 14.44 -5.95
CA ILE C 175 -27.14 13.93 -5.54
C ILE C 175 -27.92 15.09 -4.89
N LEU C 176 -29.02 15.50 -5.53
CA LEU C 176 -29.74 16.69 -5.10
C LEU C 176 -31.07 16.34 -4.48
N LEU C 177 -31.42 17.08 -3.43
CA LEU C 177 -32.58 16.77 -2.60
C LEU C 177 -33.73 17.76 -2.82
N TYR C 178 -34.90 17.22 -3.12
CA TYR C 178 -36.15 17.97 -2.99
C TYR C 178 -36.44 18.28 -1.50
N GLU C 179 -37.28 19.29 -1.28
CA GLU C 179 -37.67 19.66 0.10
C GLU C 179 -38.41 18.52 0.80
N ASP C 180 -39.11 17.69 0.04
CA ASP C 180 -39.85 16.55 0.62
C ASP C 180 -38.99 15.33 0.94
N GLY C 181 -37.66 15.42 0.72
CA GLY C 181 -36.72 14.35 1.11
C GLY C 181 -36.39 13.31 0.04
N HIS C 182 -37.09 13.40 -1.09
CA HIS C 182 -36.72 12.63 -2.25
C HIS C 182 -35.48 13.23 -2.94
N ALA C 183 -34.86 12.43 -3.80
CA ALA C 183 -33.53 12.71 -4.32
C ALA C 183 -33.43 12.45 -5.82
N VAL C 184 -32.51 13.17 -6.47
CA VAL C 184 -32.20 12.95 -7.88
C VAL C 184 -30.71 12.95 -8.14
N VAL C 185 -30.31 12.14 -9.13
CA VAL C 185 -28.92 12.10 -9.57
C VAL C 185 -28.71 13.25 -10.52
N ALA C 186 -27.63 14.00 -10.33
CA ALA C 186 -27.40 15.24 -11.10
C ALA C 186 -26.03 15.32 -11.72
N ASP C 187 -25.81 16.36 -12.52
CA ASP C 187 -24.51 16.69 -13.11
C ASP C 187 -23.89 15.57 -13.91
N PHE C 188 -24.27 15.50 -15.18
CA PHE C 188 -23.81 14.45 -16.08
C PHE C 188 -22.56 14.86 -16.86
N GLY C 189 -21.75 15.75 -16.26
CA GLY C 189 -20.54 16.25 -16.91
C GLY C 189 -19.48 15.23 -17.29
N GLU C 190 -19.47 14.09 -16.61
CA GLU C 190 -18.43 13.07 -16.84
C GLU C 190 -19.03 11.79 -17.42
N SER C 191 -20.33 11.84 -17.75
CA SER C 191 -21.04 10.65 -18.20
C SER C 191 -20.62 10.24 -19.60
N ARG C 192 -20.58 8.92 -19.81
CA ARG C 192 -20.24 8.30 -21.09
C ARG C 192 -21.29 7.23 -21.39
N PHE C 193 -21.64 7.06 -22.65
CA PHE C 193 -22.45 5.92 -23.09
C PHE C 193 -21.61 4.64 -22.92
N LEU C 194 -22.22 3.58 -22.41
CA LEU C 194 -21.48 2.34 -22.29
C LEU C 194 -21.07 1.86 -23.68
N GLN C 195 -19.77 1.69 -23.91
CA GLN C 195 -19.28 1.12 -25.18
C GLN C 195 -19.63 -0.38 -25.24
N SER C 196 -20.04 -0.84 -26.42
CA SER C 196 -20.39 -2.27 -26.63
C SER C 196 -19.11 -3.14 -26.73
N LEU C 197 -19.23 -4.42 -26.35
CA LEU C 197 -18.12 -5.41 -26.34
C LEU C 197 -18.38 -6.57 -27.31
N GLN C 205 -8.79 -9.90 -25.67
CA GLN C 205 -8.53 -11.12 -26.47
C GLN C 205 -7.01 -11.38 -26.77
N PRO C 206 -6.17 -10.32 -27.08
CA PRO C 206 -4.73 -10.55 -27.44
C PRO C 206 -3.79 -11.02 -26.27
N GLY C 207 -2.72 -11.78 -26.62
CA GLY C 207 -1.76 -12.40 -25.65
C GLY C 207 -0.99 -11.46 -24.70
N ASN C 208 -0.77 -10.23 -25.17
CA ASN C 208 -0.10 -9.18 -24.41
C ASN C 208 -0.83 -8.70 -23.12
N LEU C 209 -2.12 -8.92 -22.97
CA LEU C 209 -2.76 -8.59 -21.68
C LEU C 209 -2.12 -9.31 -20.47
N ARG C 210 -1.52 -10.46 -20.72
CA ARG C 210 -1.02 -11.29 -19.64
C ARG C 210 0.19 -10.70 -18.94
N TRP C 211 0.93 -9.84 -19.64
CA TRP C 211 2.15 -9.24 -19.07
C TRP C 211 1.98 -7.74 -18.75
N MET C 212 0.77 -7.21 -18.91
CA MET C 212 0.46 -5.78 -18.69
C MET C 212 0.36 -5.42 -17.22
N ALA C 213 0.92 -4.24 -16.86
CA ALA C 213 0.64 -3.60 -15.56
C ALA C 213 -0.86 -3.46 -15.39
N PRO C 214 -1.36 -3.64 -14.18
CA PRO C 214 -2.80 -3.46 -13.92
C PRO C 214 -3.34 -2.16 -14.49
N GLU C 215 -2.56 -1.09 -14.27
CA GLU C 215 -3.00 0.26 -14.64
C GLU C 215 -3.09 0.39 -16.16
N VAL C 216 -2.17 -0.23 -16.90
CA VAL C 216 -2.22 -0.34 -18.37
C VAL C 216 -3.40 -1.22 -18.88
N PHE C 217 -3.70 -2.31 -18.18
CA PHE C 217 -4.86 -3.16 -18.49
C PHE C 217 -6.19 -2.41 -18.42
N THR C 218 -6.38 -1.74 -17.30
CA THR C 218 -7.54 -0.95 -17.02
C THR C 218 -7.75 0.19 -18.03
N GLN C 219 -6.67 0.69 -18.62
CA GLN C 219 -6.75 1.68 -19.71
C GLN C 219 -7.03 1.10 -21.11
N CYS C 220 -6.80 -0.19 -21.34
CA CYS C 220 -7.34 -0.96 -22.51
C CYS C 220 -8.77 -1.42 -22.43
N THR C 221 -9.22 -1.81 -21.23
CA THR C 221 -10.54 -2.38 -21.08
C THR C 221 -11.56 -1.25 -21.16
N ARG C 222 -12.75 -1.59 -21.65
CA ARG C 222 -13.85 -0.65 -21.66
C ARG C 222 -14.32 -0.26 -20.23
N TYR C 223 -14.72 0.99 -20.07
CA TYR C 223 -15.38 1.47 -18.84
C TYR C 223 -16.62 0.65 -18.57
N THR C 224 -16.83 0.18 -17.34
CA THR C 224 -18.08 -0.55 -17.00
C THR C 224 -19.12 0.28 -16.23
N ILE C 225 -20.37 -0.19 -16.22
CA ILE C 225 -21.40 0.37 -15.33
C ILE C 225 -21.15 -0.01 -13.88
N LYS C 226 -20.37 -1.06 -13.66
CA LYS C 226 -20.12 -1.52 -12.32
C LYS C 226 -19.32 -0.58 -11.45
N ALA C 227 -18.63 0.40 -12.04
CA ALA C 227 -17.88 1.42 -11.26
C ALA C 227 -18.83 2.34 -10.48
N ASP C 228 -19.93 2.73 -11.14
CA ASP C 228 -20.99 3.54 -10.54
C ASP C 228 -21.53 2.90 -9.21
N VAL C 229 -21.55 1.56 -9.14
CA VAL C 229 -22.06 0.82 -7.97
C VAL C 229 -21.11 1.00 -6.80
N PHE C 230 -19.81 0.91 -7.07
CA PHE C 230 -18.78 1.26 -6.08
C PHE C 230 -18.92 2.68 -5.48
N SER C 231 -19.14 3.67 -6.34
CA SER C 231 -19.31 5.04 -5.91
C SER C 231 -20.53 5.13 -5.06
N TYR C 232 -21.58 4.48 -5.52
CA TYR C 232 -22.83 4.44 -4.73
C TYR C 232 -22.65 3.84 -3.31
N ALA C 233 -21.87 2.75 -3.21
CA ALA C 233 -21.61 2.10 -1.94
C ALA C 233 -21.04 3.14 -0.97
N LEU C 234 -20.01 3.83 -1.44
CA LEU C 234 -19.40 4.90 -0.70
C LEU C 234 -20.44 5.97 -0.33
N CYS C 235 -21.28 6.35 -1.28
CA CYS C 235 -22.37 7.29 -1.00
C CYS C 235 -23.34 6.78 0.08
N LEU C 236 -23.57 5.46 0.09
CA LEU C 236 -24.55 4.89 1.01
C LEU C 236 -24.02 4.89 2.41
N TRP C 237 -22.79 4.40 2.60
CA TRP C 237 -22.03 4.56 3.85
C TRP C 237 -21.99 6.01 4.31
N GLU C 238 -21.82 6.93 3.36
CA GLU C 238 -21.82 8.35 3.68
C GLU C 238 -23.17 8.76 4.29
N ILE C 239 -24.27 8.33 3.69
CA ILE C 239 -25.60 8.68 4.20
C ILE C 239 -25.83 8.13 5.60
N LEU C 240 -25.46 6.89 5.81
CA LEU C 240 -25.74 6.23 7.06
C LEU C 240 -24.92 6.79 8.20
N THR C 241 -23.61 6.91 8.03
CA THR C 241 -22.73 7.46 9.08
C THR C 241 -22.75 8.98 9.21
N GLY C 242 -23.22 9.66 8.17
CA GLY C 242 -23.04 11.09 8.02
C GLY C 242 -21.59 11.60 7.83
N GLU C 243 -20.62 10.71 7.71
CA GLU C 243 -19.23 11.12 7.64
C GLU C 243 -18.83 11.09 6.18
N ILE C 244 -17.94 12.01 5.84
CA ILE C 244 -17.27 11.97 4.56
C ILE C 244 -16.41 10.69 4.56
N PRO C 245 -16.33 9.95 3.41
CA PRO C 245 -15.45 8.79 3.36
C PRO C 245 -14.02 9.21 3.52
N PHE C 246 -13.30 8.62 4.47
CA PHE C 246 -11.90 8.96 4.69
C PHE C 246 -11.69 10.45 4.94
N ALA C 247 -12.52 11.00 5.82
CA ALA C 247 -12.50 12.43 6.21
C ALA C 247 -11.09 12.98 6.43
N HIS C 248 -10.23 12.15 7.05
CA HIS C 248 -8.86 12.54 7.42
C HIS C 248 -7.92 12.65 6.19
N LEU C 249 -8.20 11.98 5.09
CA LEU C 249 -7.30 12.02 3.92
C LEU C 249 -7.82 12.98 2.88
N LYS C 250 -6.93 13.44 2.01
CA LYS C 250 -7.34 14.18 0.81
C LYS C 250 -7.79 13.22 -0.27
N PRO C 251 -8.56 13.70 -1.25
CA PRO C 251 -9.14 12.78 -2.21
C PRO C 251 -8.18 11.76 -2.83
N ALA C 252 -6.97 12.22 -3.16
CA ALA C 252 -6.05 11.38 -3.91
C ALA C 252 -5.42 10.31 -3.03
N ALA C 253 -5.23 10.64 -1.75
CA ALA C 253 -4.73 9.66 -0.77
C ALA C 253 -5.81 8.63 -0.44
N ALA C 254 -7.08 9.07 -0.36
CA ALA C 254 -8.20 8.14 -0.19
C ALA C 254 -8.32 7.20 -1.38
N ALA C 255 -8.32 7.79 -2.56
CA ALA C 255 -8.46 7.01 -3.77
C ALA C 255 -7.33 5.99 -3.90
N ALA C 256 -6.11 6.36 -3.49
CA ALA C 256 -4.96 5.45 -3.59
C ALA C 256 -5.04 4.33 -2.56
N ASP C 257 -5.31 4.69 -1.31
CA ASP C 257 -5.56 3.71 -0.25
C ASP C 257 -6.65 2.70 -0.65
N MET C 258 -7.72 3.11 -1.31
CA MET C 258 -8.75 2.13 -1.71
C MET C 258 -8.27 1.18 -2.78
N ALA C 259 -7.45 1.67 -3.69
CA ALA C 259 -7.12 0.94 -4.90
C ALA C 259 -5.90 0.10 -4.69
N TYR C 260 -4.93 0.66 -3.95
CA TYR C 260 -3.64 0.01 -3.80
C TYR C 260 -3.45 -0.67 -2.47
N HIS C 261 -4.26 -0.41 -1.46
CA HIS C 261 -4.04 -1.05 -0.15
C HIS C 261 -5.30 -1.67 0.39
N HIS C 262 -6.28 -1.85 -0.49
CA HIS C 262 -7.63 -2.39 -0.21
C HIS C 262 -8.45 -1.79 0.96
N ILE C 263 -8.13 -0.59 1.39
CA ILE C 263 -8.84 0.04 2.49
C ILE C 263 -10.27 0.44 2.06
N ARG C 264 -11.20 0.37 3.02
CA ARG C 264 -12.59 0.73 2.83
C ARG C 264 -13.12 1.38 4.10
N PRO C 265 -14.09 2.29 4.00
CA PRO C 265 -14.66 2.86 5.25
C PRO C 265 -15.15 1.80 6.22
N PRO C 266 -14.99 2.04 7.54
CA PRO C 266 -15.33 1.06 8.59
C PRO C 266 -16.83 0.83 8.83
N ILE C 267 -17.25 -0.40 9.09
CA ILE C 267 -18.67 -0.74 9.32
C ILE C 267 -18.97 -1.08 10.80
N GLY C 268 -19.63 -0.16 11.51
CA GLY C 268 -19.95 -0.33 12.93
C GLY C 268 -21.44 -0.56 13.18
N TYR C 269 -21.79 -0.73 14.48
CA TYR C 269 -23.21 -0.78 14.99
C TYR C 269 -24.15 0.32 14.44
N SER C 270 -23.58 1.47 14.06
CA SER C 270 -24.21 2.49 13.18
C SER C 270 -24.93 1.99 11.87
N ILE C 271 -24.55 0.82 11.32
CA ILE C 271 -25.18 0.24 10.09
C ILE C 271 -25.82 -1.14 10.36
N PRO C 272 -27.08 -1.35 9.94
CA PRO C 272 -27.72 -2.68 10.12
C PRO C 272 -27.25 -3.77 9.15
N LYS C 273 -27.16 -5.01 9.64
CA LYS C 273 -26.56 -6.17 8.92
C LYS C 273 -27.14 -6.47 7.50
N PRO C 274 -28.45 -6.16 7.26
CA PRO C 274 -28.91 -6.24 5.85
C PRO C 274 -28.15 -5.27 4.95
N ILE C 275 -27.95 -4.02 5.37
CA ILE C 275 -27.25 -3.02 4.56
C ILE C 275 -25.71 -3.21 4.44
N SER C 276 -25.06 -3.66 5.50
CA SER C 276 -23.62 -3.85 5.44
C SER C 276 -23.18 -4.94 4.45
N SER C 277 -24.02 -5.92 4.22
CA SER C 277 -23.77 -6.90 3.17
C SER C 277 -23.74 -6.23 1.75
N LEU C 278 -24.64 -5.28 1.50
CA LEU C 278 -24.61 -4.55 0.23
C LEU C 278 -23.38 -3.69 0.11
N LEU C 279 -23.08 -2.94 1.16
CA LEU C 279 -21.93 -2.09 1.15
C LEU C 279 -20.76 -2.88 0.76
N ILE C 280 -20.48 -3.95 1.52
CA ILE C 280 -19.27 -4.75 1.27
C ILE C 280 -19.16 -5.17 -0.20
N ARG C 281 -20.21 -5.79 -0.74
CA ARG C 281 -20.22 -6.28 -2.10
C ARG C 281 -20.17 -5.15 -3.11
N GLY C 282 -20.93 -4.09 -2.82
CA GLY C 282 -20.90 -2.85 -3.61
C GLY C 282 -19.54 -2.20 -3.84
N TRP C 283 -18.63 -2.33 -2.86
CA TRP C 283 -17.29 -1.78 -2.98
C TRP C 283 -16.18 -2.85 -3.02
N ASN C 284 -16.52 -3.97 -3.60
CA ASN C 284 -15.59 -5.02 -3.92
C ASN C 284 -14.57 -4.55 -4.99
N ALA C 285 -13.32 -4.88 -4.78
CA ALA C 285 -12.33 -4.63 -5.81
C ALA C 285 -12.70 -5.22 -7.20
N CYS C 286 -13.44 -6.34 -7.24
CA CYS C 286 -13.81 -6.99 -8.51
C CYS C 286 -15.14 -6.44 -8.96
N PRO C 287 -15.18 -5.64 -10.04
CA PRO C 287 -16.49 -5.12 -10.50
C PRO C 287 -17.57 -6.21 -10.66
N GLU C 288 -17.18 -7.32 -11.26
CA GLU C 288 -18.11 -8.44 -11.55
C GLU C 288 -18.75 -8.95 -10.26
N GLY C 289 -18.03 -8.87 -9.13
CA GLY C 289 -18.58 -9.20 -7.79
C GLY C 289 -19.53 -8.20 -7.11
N ARG C 290 -19.73 -7.02 -7.70
CA ARG C 290 -20.60 -5.98 -7.13
C ARG C 290 -22.00 -6.24 -7.58
N PRO C 291 -23.00 -5.76 -6.86
CA PRO C 291 -24.38 -5.97 -7.36
C PRO C 291 -24.77 -5.08 -8.55
N GLU C 292 -25.79 -5.49 -9.31
CA GLU C 292 -26.45 -4.64 -10.30
C GLU C 292 -27.46 -3.77 -9.51
N PHE C 293 -27.65 -2.53 -9.92
CA PHE C 293 -28.54 -1.62 -9.19
C PHE C 293 -29.91 -2.14 -8.91
N SER C 294 -30.47 -2.94 -9.82
CA SER C 294 -31.79 -3.59 -9.60
C SER C 294 -31.89 -4.33 -8.26
N GLU C 295 -30.82 -5.02 -7.91
CA GLU C 295 -30.76 -5.74 -6.67
C GLU C 295 -30.70 -4.76 -5.51
N VAL C 296 -29.84 -3.76 -5.63
CA VAL C 296 -29.70 -2.73 -4.61
C VAL C 296 -31.05 -2.17 -4.27
N VAL C 297 -31.83 -1.87 -5.30
CA VAL C 297 -33.15 -1.28 -5.14
C VAL C 297 -34.01 -2.22 -4.30
N MET C 298 -34.09 -3.47 -4.76
CA MET C 298 -34.95 -4.49 -4.13
C MET C 298 -34.61 -4.62 -2.66
N LYS C 299 -33.31 -4.81 -2.36
CA LYS C 299 -32.82 -4.95 -0.97
C LYS C 299 -33.06 -3.74 -0.07
N LEU C 300 -32.91 -2.53 -0.60
CA LEU C 300 -33.14 -1.33 0.18
C LEU C 300 -34.61 -1.03 0.36
N GLU C 301 -35.44 -1.39 -0.62
CA GLU C 301 -36.92 -1.27 -0.47
C GLU C 301 -37.46 -2.29 0.58
N GLU C 302 -36.85 -3.46 0.64
CA GLU C 302 -37.16 -4.49 1.64
C GLU C 302 -36.83 -3.94 3.04
N CYS C 303 -35.71 -3.23 3.15
CA CYS C 303 -35.34 -2.55 4.39
C CYS C 303 -36.29 -1.43 4.71
N LEU C 304 -36.76 -0.69 3.70
CA LEU C 304 -37.79 0.34 3.90
C LEU C 304 -39.14 -0.18 4.44
N CYS C 305 -39.55 -1.37 4.04
CA CYS C 305 -40.73 -2.05 4.63
C CYS C 305 -40.63 -2.23 6.16
N ASN C 306 -39.41 -2.40 6.67
CA ASN C 306 -39.16 -2.65 8.10
C ASN C 306 -38.35 -1.53 8.81
N ILE C 307 -38.46 -0.28 8.33
CA ILE C 307 -37.68 0.86 8.87
C ILE C 307 -38.30 1.46 10.11
N LEU D 33 24.99 11.56 37.54
CA LEU D 33 25.82 12.51 36.78
C LEU D 33 27.02 13.03 37.58
N PRO D 34 28.26 12.84 37.08
CA PRO D 34 29.45 13.42 37.72
C PRO D 34 29.23 14.86 38.17
N SER D 35 29.49 15.17 39.44
CA SER D 35 29.01 16.45 40.01
C SER D 35 29.57 17.71 39.35
N HIS D 36 30.75 17.63 38.73
CA HIS D 36 31.30 18.78 38.01
C HIS D 36 30.45 19.28 36.83
N PHE D 37 29.60 18.36 36.32
CA PHE D 37 28.55 18.69 35.34
C PHE D 37 27.25 19.32 35.93
N HIS D 38 27.12 19.36 37.25
CA HIS D 38 25.95 19.96 37.88
C HIS D 38 26.08 21.46 37.69
N LEU D 39 25.02 22.07 37.17
CA LEU D 39 24.91 23.50 36.99
C LEU D 39 23.84 23.98 37.92
N GLN D 40 23.98 25.19 38.41
CA GLN D 40 22.87 25.89 39.03
C GLN D 40 22.41 26.91 38.00
N LEU D 41 21.14 27.28 38.08
CA LEU D 41 20.50 28.19 37.12
C LEU D 41 21.23 29.52 36.97
N SER D 42 21.72 30.09 38.07
CA SER D 42 22.54 31.34 38.05
C SER D 42 23.87 31.27 37.28
N GLU D 43 24.32 30.09 36.89
CA GLU D 43 25.51 29.93 36.05
C GLU D 43 25.21 30.06 34.57
N ILE D 44 23.92 29.97 34.22
CA ILE D 44 23.44 30.13 32.84
C ILE D 44 22.88 31.54 32.65
N GLU D 45 23.50 32.26 31.73
CA GLU D 45 23.04 33.55 31.28
C GLU D 45 22.19 33.27 30.04
N PHE D 46 20.95 33.77 30.03
CA PHE D 46 19.96 33.53 28.97
C PHE D 46 19.84 34.70 28.01
N HIS D 47 19.82 34.39 26.71
CA HIS D 47 19.63 35.38 25.64
C HIS D 47 18.36 34.97 24.83
N GLU D 48 18.42 35.05 23.50
CA GLU D 48 17.22 34.91 22.68
C GLU D 48 16.75 33.46 22.61
N ILE D 49 15.49 33.28 22.26
CA ILE D 49 14.90 31.97 22.11
C ILE D 49 15.22 31.45 20.74
N ILE D 50 15.74 30.22 20.66
CA ILE D 50 16.07 29.59 19.40
C ILE D 50 15.21 28.43 19.01
N GLY D 51 14.31 28.02 19.88
CA GLY D 51 13.39 26.94 19.53
C GLY D 51 12.27 26.81 20.55
N SER D 52 11.24 26.07 20.14
CA SER D 52 10.05 25.92 20.97
C SER D 52 9.24 24.66 20.60
N GLY D 53 8.34 24.28 21.49
CA GLY D 53 7.49 23.09 21.32
C GLY D 53 6.86 22.72 22.65
N SER D 54 5.87 21.83 22.67
CA SER D 54 5.30 21.33 23.95
C SER D 54 6.39 20.80 24.96
N PHE D 55 7.52 20.31 24.45
CA PHE D 55 8.66 19.94 25.31
C PHE D 55 9.17 21.13 26.19
N GLY D 56 9.05 22.35 25.67
CA GLY D 56 9.58 23.55 26.30
C GLY D 56 10.21 24.49 25.27
N LYS D 57 11.18 25.28 25.70
CA LYS D 57 11.91 26.21 24.82
C LYS D 57 13.42 25.93 24.78
N VAL D 58 14.06 26.08 23.62
CA VAL D 58 15.52 26.09 23.56
C VAL D 58 16.00 27.55 23.49
N TYR D 59 17.08 27.84 24.22
CA TYR D 59 17.64 29.18 24.35
C TYR D 59 19.10 29.26 23.89
N LYS D 60 19.44 30.41 23.31
CA LYS D 60 20.82 30.78 23.15
C LYS D 60 21.22 31.45 24.45
N GLY D 61 22.48 31.28 24.81
CA GLY D 61 22.99 31.85 26.04
C GLY D 61 24.51 31.80 26.17
N ARG D 62 24.95 32.01 27.39
CA ARG D 62 26.35 31.99 27.76
C ARG D 62 26.45 31.21 29.08
N CYS D 63 27.48 30.38 29.21
CA CYS D 63 27.69 29.53 30.42
C CYS D 63 29.15 29.07 30.46
N ARG D 64 29.80 29.29 31.58
CA ARG D 64 31.19 28.88 31.76
C ARG D 64 32.12 29.31 30.62
N ASN D 65 31.97 30.59 30.24
CA ASN D 65 32.89 31.28 29.32
C ASN D 65 32.83 30.69 27.92
N LYS D 66 31.64 30.21 27.54
CA LYS D 66 31.41 29.70 26.18
C LYS D 66 29.96 29.95 25.80
N ILE D 67 29.71 30.13 24.50
CA ILE D 67 28.37 30.41 24.01
C ILE D 67 27.68 29.04 23.93
N VAL D 68 26.44 29.02 24.40
CA VAL D 68 25.74 27.77 24.60
C VAL D 68 24.31 27.77 24.08
N ALA D 69 23.78 26.56 23.88
CA ALA D 69 22.36 26.32 23.65
C ALA D 69 21.85 25.62 24.88
N ILE D 70 20.78 26.15 25.47
CA ILE D 70 20.19 25.62 26.68
C ILE D 70 18.77 25.08 26.47
N LYS D 71 18.58 23.76 26.43
CA LYS D 71 17.22 23.18 26.34
C LYS D 71 16.62 23.31 27.70
N ARG D 72 15.31 23.56 27.79
CA ARG D 72 14.60 23.71 29.07
C ARG D 72 13.28 22.92 29.03
N TYR D 73 12.97 22.16 30.09
CA TYR D 73 11.81 21.21 30.07
C TYR D 73 10.83 21.50 31.23
N SER D 82 7.60 10.01 35.94
CA SER D 82 7.45 9.55 34.54
C SER D 82 8.28 10.31 33.48
N ASP D 83 8.05 11.62 33.38
CA ASP D 83 8.87 12.52 32.56
C ASP D 83 10.29 12.73 33.12
N VAL D 84 10.50 12.39 34.39
CA VAL D 84 11.81 12.54 35.05
C VAL D 84 12.78 11.43 34.61
N ASP D 85 12.22 10.24 34.37
CA ASP D 85 12.98 9.13 33.79
C ASP D 85 13.62 9.52 32.46
N MET D 86 12.89 10.23 31.62
CA MET D 86 13.41 10.64 30.32
C MET D 86 14.55 11.66 30.41
N PHE D 87 14.43 12.62 31.33
CA PHE D 87 15.47 13.61 31.57
C PHE D 87 16.75 12.99 32.19
N CYS D 88 16.63 12.05 33.09
CA CYS D 88 17.85 11.35 33.56
C CYS D 88 18.55 10.58 32.47
N ARG D 89 17.77 9.93 31.63
CA ARG D 89 18.27 9.18 30.50
C ARG D 89 19.02 10.12 29.54
N GLU D 90 18.37 11.24 29.18
CA GLU D 90 19.00 12.16 28.27
C GLU D 90 20.33 12.64 28.84
N VAL D 91 20.31 13.11 30.08
CA VAL D 91 21.51 13.58 30.77
C VAL D 91 22.60 12.49 30.86
N SER D 92 22.22 11.28 31.22
CA SER D 92 23.19 10.20 31.43
C SER D 92 23.83 9.77 30.10
N ILE D 93 23.12 10.02 29.00
CA ILE D 93 23.69 9.84 27.68
C ILE D 93 24.65 10.97 27.31
N LEU D 94 24.19 12.21 27.43
CA LEU D 94 25.01 13.38 27.08
C LEU D 94 26.38 13.41 27.73
N CYS D 95 26.47 13.02 29.00
CA CYS D 95 27.76 13.09 29.72
C CYS D 95 28.80 12.03 29.29
N GLN D 96 28.37 10.97 28.63
CA GLN D 96 29.27 10.00 28.00
C GLN D 96 29.98 10.51 26.73
N LEU D 97 29.41 11.54 26.10
CA LEU D 97 29.83 11.98 24.77
C LEU D 97 31.12 12.80 24.84
N ASN D 98 32.03 12.49 23.95
CA ASN D 98 33.22 13.30 23.75
C ASN D 98 33.77 12.95 22.38
N HIS D 99 33.33 13.70 21.37
CA HIS D 99 33.75 13.46 19.99
C HIS D 99 33.47 14.71 19.17
N PRO D 100 34.35 15.08 18.22
CA PRO D 100 34.19 16.39 17.53
C PRO D 100 32.96 16.50 16.62
N CYS D 101 32.42 15.34 16.20
CA CYS D 101 31.21 15.22 15.38
C CYS D 101 29.90 15.01 16.15
N VAL D 102 29.95 15.15 17.47
CA VAL D 102 28.78 15.12 18.36
C VAL D 102 28.80 16.42 19.25
N ILE D 103 27.61 16.88 19.61
CA ILE D 103 27.45 18.14 20.35
C ILE D 103 28.22 18.05 21.67
N GLN D 104 29.00 19.07 22.02
CA GLN D 104 29.70 19.08 23.32
C GLN D 104 28.75 19.39 24.44
N PHE D 105 28.74 18.52 25.45
CA PHE D 105 27.93 18.71 26.67
C PHE D 105 28.65 19.63 27.67
N VAL D 106 27.98 20.67 28.14
CA VAL D 106 28.53 21.60 29.14
C VAL D 106 28.05 21.25 30.55
N GLY D 107 26.81 20.80 30.64
CA GLY D 107 26.27 20.40 31.91
C GLY D 107 24.78 20.48 31.92
N ALA D 108 24.22 20.14 33.07
CA ALA D 108 22.78 20.15 33.23
C ALA D 108 22.44 20.77 34.59
N CYS D 109 21.22 21.28 34.73
CA CYS D 109 20.68 21.69 36.00
C CYS D 109 19.73 20.62 36.47
N LEU D 110 19.90 20.24 37.74
CA LEU D 110 19.16 19.15 38.35
C LEU D 110 18.37 19.48 39.60
N ASN D 111 18.58 20.63 40.25
CA ASN D 111 17.89 20.99 41.52
C ASN D 111 16.48 20.46 41.77
N ASP D 112 15.49 20.89 40.95
CA ASP D 112 14.11 20.35 40.98
C ASP D 112 13.54 20.14 39.56
N PRO D 113 12.39 19.45 39.46
CA PRO D 113 11.70 19.29 38.16
C PRO D 113 11.38 20.58 37.36
N SER D 114 11.14 21.71 38.03
CA SER D 114 10.84 22.98 37.33
C SER D 114 12.07 23.68 36.76
N GLN D 115 13.26 23.27 37.20
CA GLN D 115 14.52 23.89 36.79
C GLN D 115 15.38 23.03 35.85
N PHE D 116 14.86 21.89 35.40
CA PHE D 116 15.61 21.00 34.52
C PHE D 116 16.06 21.74 33.26
N ALA D 117 17.36 21.73 33.03
CA ALA D 117 17.96 22.35 31.86
C ALA D 117 19.16 21.52 31.38
N ILE D 118 19.33 21.42 30.07
CA ILE D 118 20.48 20.82 29.47
C ILE D 118 21.23 21.88 28.67
N VAL D 119 22.51 22.03 28.97
CA VAL D 119 23.38 22.97 28.31
C VAL D 119 24.41 22.23 27.42
N THR D 120 24.48 22.61 26.15
CA THR D 120 25.53 22.14 25.22
C THR D 120 26.16 23.34 24.57
N GLN D 121 27.19 23.12 23.74
CA GLN D 121 27.81 24.21 23.00
C GLN D 121 26.81 24.67 21.97
N TYR D 122 26.99 25.89 21.47
CA TYR D 122 26.13 26.45 20.44
C TYR D 122 26.87 26.42 19.10
N ILE D 123 26.22 25.90 18.08
CA ILE D 123 26.82 25.74 16.76
C ILE D 123 26.28 26.89 15.84
N SER D 124 27.15 27.85 15.53
CA SER D 124 26.76 29.12 14.85
C SER D 124 26.04 28.98 13.49
N GLY D 125 26.39 27.97 12.72
CA GLY D 125 25.93 27.90 11.33
C GLY D 125 24.59 27.25 11.07
N GLY D 126 23.84 26.93 12.11
CA GLY D 126 22.47 26.51 11.92
C GLY D 126 22.29 25.06 11.60
N SER D 127 21.06 24.69 11.29
CA SER D 127 20.73 23.30 11.01
C SER D 127 21.02 23.05 9.56
N LEU D 128 21.37 21.82 9.26
CA LEU D 128 21.53 21.38 7.88
C LEU D 128 20.22 21.50 7.12
N PHE D 129 19.09 21.29 7.80
CA PHE D 129 17.77 21.34 7.16
C PHE D 129 17.55 22.71 6.53
N SER D 130 17.92 23.73 7.30
CA SER D 130 17.83 25.09 6.80
C SER D 130 18.73 25.36 5.61
N LEU D 131 20.02 25.06 5.76
CA LEU D 131 20.98 25.21 4.67
C LEU D 131 20.50 24.59 3.36
N LEU D 132 19.93 23.40 3.46
CA LEU D 132 19.45 22.71 2.27
C LEU D 132 18.12 23.19 1.74
N HIS D 133 17.18 23.58 2.61
CA HIS D 133 15.80 23.84 2.20
C HIS D 133 15.24 25.23 2.38
N GLU D 134 15.79 26.04 3.29
CA GLU D 134 15.32 27.40 3.54
C GLU D 134 16.30 28.31 2.78
N GLN D 135 17.56 28.33 3.21
CA GLN D 135 18.62 29.13 2.57
C GLN D 135 18.90 28.70 1.15
N LYS D 136 18.55 27.47 0.84
CA LYS D 136 18.71 26.92 -0.51
C LYS D 136 20.12 27.23 -1.08
N ARG D 137 21.17 27.14 -0.22
CA ARG D 137 22.57 27.41 -0.64
C ARG D 137 23.06 26.26 -1.53
N ILE D 138 23.81 26.58 -2.59
CA ILE D 138 24.41 25.58 -3.49
C ILE D 138 25.75 25.08 -2.94
N LEU D 139 25.88 23.77 -2.81
CA LEU D 139 27.09 23.14 -2.30
C LEU D 139 27.70 22.27 -3.38
N ASP D 140 29.02 22.37 -3.52
CA ASP D 140 29.81 21.41 -4.31
C ASP D 140 29.73 20.01 -3.71
N LEU D 141 30.01 19.00 -4.51
CA LEU D 141 30.05 17.63 -3.99
C LEU D 141 30.95 17.48 -2.77
N GLN D 142 32.08 18.14 -2.72
CA GLN D 142 32.95 18.02 -1.56
C GLN D 142 32.27 18.51 -0.26
N SER D 143 31.71 19.71 -0.27
CA SER D 143 31.04 20.25 0.91
C SER D 143 29.96 19.26 1.46
N LYS D 144 29.24 18.61 0.54
CA LYS D 144 28.21 17.62 0.88
C LYS D 144 28.76 16.39 1.57
N LEU D 145 29.81 15.81 1.00
CA LEU D 145 30.49 14.67 1.61
C LEU D 145 31.21 14.98 2.91
N ILE D 146 31.71 16.20 3.07
CA ILE D 146 32.29 16.59 4.34
C ILE D 146 31.21 16.48 5.46
N ILE D 147 30.01 16.98 5.20
CA ILE D 147 28.93 16.86 6.18
C ILE D 147 28.60 15.37 6.37
N ALA D 148 28.41 14.66 5.25
CA ALA D 148 28.03 13.22 5.29
C ALA D 148 29.04 12.35 6.07
N VAL D 149 30.33 12.60 5.86
CA VAL D 149 31.34 11.89 6.62
C VAL D 149 31.26 12.32 8.08
N ASP D 150 31.22 13.61 8.35
CA ASP D 150 31.16 14.06 9.73
C ASP D 150 30.01 13.40 10.51
N VAL D 151 28.80 13.52 9.95
CA VAL D 151 27.62 12.88 10.55
C VAL D 151 27.90 11.38 10.70
N ALA D 152 28.44 10.72 9.68
CA ALA D 152 28.75 9.29 9.74
C ALA D 152 29.79 8.88 10.82
N LYS D 153 30.88 9.64 10.93
CA LYS D 153 31.89 9.45 12.00
C LYS D 153 31.30 9.59 13.44
N GLY D 154 30.44 10.59 13.61
CA GLY D 154 29.75 10.85 14.89
C GLY D 154 28.83 9.70 15.30
N MET D 155 28.15 9.14 14.28
CA MET D 155 27.26 8.02 14.47
C MET D 155 28.09 6.77 14.74
N GLU D 156 29.18 6.57 13.98
CA GLU D 156 30.13 5.49 14.26
C GLU D 156 30.58 5.54 15.76
N TYR D 157 30.90 6.74 16.24
CA TYR D 157 31.36 6.91 17.60
C TYR D 157 30.31 6.41 18.60
N LEU D 158 29.07 6.88 18.40
CA LEU D 158 27.92 6.50 19.25
C LEU D 158 27.72 4.98 19.26
N HIS D 159 27.70 4.36 18.08
CA HIS D 159 27.45 2.91 17.94
C HIS D 159 28.58 2.02 18.50
N ASN D 160 29.79 2.55 18.58
CA ASN D 160 30.95 1.76 19.05
C ASN D 160 31.50 2.13 20.42
N LEU D 161 30.76 2.93 21.21
CA LEU D 161 31.03 3.05 22.64
C LEU D 161 30.89 1.68 23.30
N THR D 162 31.57 1.51 24.43
CA THR D 162 31.54 0.21 25.12
C THR D 162 30.09 -0.18 25.36
N GLN D 163 29.27 0.81 25.76
CA GLN D 163 27.82 0.70 25.86
C GLN D 163 27.17 1.56 24.79
N PRO D 164 26.91 0.99 23.60
CA PRO D 164 26.39 1.74 22.44
C PRO D 164 25.14 2.57 22.68
N ILE D 165 25.11 3.75 22.04
CA ILE D 165 23.96 4.71 22.04
C ILE D 165 23.25 4.73 20.68
N ILE D 166 21.92 4.66 20.71
CA ILE D 166 21.10 4.81 19.54
C ILE D 166 20.57 6.22 19.59
N HIS D 167 20.74 6.98 18.51
CA HIS D 167 20.29 8.37 18.48
C HIS D 167 18.80 8.41 18.36
N ARG D 168 18.25 7.53 17.53
CA ARG D 168 16.80 7.30 17.39
C ARG D 168 16.02 8.42 16.69
N ASP D 169 16.70 9.46 16.26
CA ASP D 169 16.04 10.65 15.75
C ASP D 169 16.95 11.46 14.81
N LEU D 170 17.75 10.78 14.00
CA LEU D 170 18.71 11.47 13.16
C LEU D 170 18.01 12.09 11.97
N ASN D 171 18.24 13.37 11.77
CA ASN D 171 17.69 14.08 10.62
C ASN D 171 18.38 15.42 10.48
N SER D 172 18.08 16.10 9.38
CA SER D 172 18.69 17.37 9.07
C SER D 172 18.34 18.50 10.02
N HIS D 173 17.29 18.32 10.83
CA HIS D 173 17.03 19.25 11.94
C HIS D 173 18.06 19.12 13.03
N ASN D 174 18.49 17.88 13.32
CA ASN D 174 19.40 17.56 14.42
C ASN D 174 20.85 17.43 14.00
N ILE D 175 21.14 17.79 12.76
CA ILE D 175 22.51 17.88 12.29
C ILE D 175 22.82 19.36 12.20
N LEU D 176 23.80 19.82 12.97
CA LEU D 176 24.17 21.23 13.04
C LEU D 176 25.53 21.51 12.43
N LEU D 177 25.61 22.63 11.73
CA LEU D 177 26.78 22.99 10.93
C LEU D 177 27.56 24.14 11.53
N TYR D 178 28.85 23.91 11.72
CA TYR D 178 29.79 24.98 11.96
C TYR D 178 29.89 25.91 10.72
N GLU D 179 30.41 27.11 10.94
CA GLU D 179 30.65 28.03 9.82
C GLU D 179 31.62 27.48 8.80
N ASP D 180 32.60 26.66 9.23
CA ASP D 180 33.58 26.07 8.32
C ASP D 180 33.08 24.85 7.57
N GLY D 181 31.80 24.48 7.72
CA GLY D 181 31.23 23.43 6.91
C GLY D 181 31.23 22.05 7.51
N HIS D 182 31.94 21.88 8.61
CA HIS D 182 31.87 20.65 9.38
C HIS D 182 30.53 20.55 10.12
N ALA D 183 30.23 19.35 10.59
CA ALA D 183 28.91 19.06 11.09
C ALA D 183 28.96 18.25 12.36
N VAL D 184 27.94 18.42 13.22
CA VAL D 184 27.79 17.59 14.41
C VAL D 184 26.39 17.06 14.56
N VAL D 185 26.28 15.86 15.14
CA VAL D 185 24.99 15.26 15.47
C VAL D 185 24.48 15.89 16.75
N ALA D 186 23.22 16.28 16.79
CA ALA D 186 22.70 16.99 17.95
C ALA D 186 21.37 16.47 18.50
N ASP D 187 20.95 17.01 19.62
CA ASP D 187 19.63 16.74 20.20
C ASP D 187 19.38 15.29 20.49
N PHE D 188 19.83 14.87 21.68
CA PHE D 188 19.76 13.46 22.11
C PHE D 188 18.49 13.19 22.92
N GLY D 189 17.42 13.92 22.61
CA GLY D 189 16.15 13.81 23.33
C GLY D 189 15.42 12.49 23.23
N GLU D 190 15.71 11.75 22.17
CA GLU D 190 15.07 10.47 21.95
C GLU D 190 16.07 9.34 22.08
N SER D 191 17.30 9.62 22.46
CA SER D 191 18.34 8.59 22.51
C SER D 191 18.16 7.59 23.67
N ARG D 192 18.46 6.31 23.39
CA ARG D 192 18.39 5.20 24.33
C ARG D 192 19.72 4.45 24.24
N PHE D 193 20.15 3.90 25.37
CA PHE D 193 21.28 2.95 25.40
C PHE D 193 20.87 1.63 24.75
N LEU D 194 21.72 1.04 23.94
CA LEU D 194 21.35 -0.21 23.29
C LEU D 194 21.19 -1.27 24.35
N GLN D 195 20.02 -1.90 24.41
CA GLN D 195 19.77 -3.03 25.35
C GLN D 195 20.51 -4.30 24.85
N SER D 196 21.12 -5.03 25.79
CA SER D 196 21.90 -6.28 25.51
C SER D 196 21.05 -7.45 25.02
N GLY D 207 7.91 -19.92 19.80
CA GLY D 207 6.84 -20.73 19.17
C GLY D 207 5.67 -19.90 18.61
N ASN D 208 5.17 -19.01 19.47
CA ASN D 208 4.16 -18.06 19.07
C ASN D 208 4.58 -17.07 17.94
N LEU D 209 5.88 -16.91 17.64
CA LEU D 209 6.33 -15.84 16.67
C LEU D 209 6.05 -16.14 15.20
N ARG D 210 5.83 -17.39 14.88
CA ARG D 210 5.47 -17.83 13.54
C ARG D 210 4.13 -17.28 13.04
N TRP D 211 3.16 -17.12 13.94
CA TRP D 211 1.83 -16.58 13.58
C TRP D 211 1.66 -15.11 13.99
N MET D 212 2.71 -14.48 14.51
CA MET D 212 2.59 -13.12 15.01
C MET D 212 2.49 -12.18 13.87
N ALA D 213 1.69 -11.12 14.03
CA ALA D 213 1.71 -10.06 13.04
C ALA D 213 3.07 -9.35 13.07
N PRO D 214 3.46 -8.74 11.96
CA PRO D 214 4.66 -7.95 11.87
C PRO D 214 4.82 -6.93 12.99
N GLU D 215 3.77 -6.11 13.18
CA GLU D 215 3.80 -5.00 14.14
C GLU D 215 3.93 -5.44 15.59
N VAL D 216 3.57 -6.70 15.85
CA VAL D 216 3.74 -7.34 17.16
C VAL D 216 5.15 -7.93 17.34
N PHE D 217 5.73 -8.47 16.27
CA PHE D 217 7.11 -8.97 16.29
C PHE D 217 8.15 -7.84 16.49
N THR D 218 7.93 -6.75 15.78
CA THR D 218 8.70 -5.52 15.95
C THR D 218 8.66 -4.93 17.41
N GLN D 219 7.48 -4.98 18.04
CA GLN D 219 7.25 -4.47 19.42
C GLN D 219 7.75 -5.36 20.54
N CYS D 220 7.77 -6.68 20.30
N CYS D 220 7.79 -6.68 20.31
CA CYS D 220 8.42 -7.67 21.19
CA CYS D 220 8.43 -7.61 21.27
C CYS D 220 9.95 -7.71 21.02
C CYS D 220 9.94 -7.80 20.99
N THR D 221 10.46 -7.20 19.91
CA THR D 221 11.88 -7.21 19.61
C THR D 221 12.60 -5.96 20.17
N ARG D 222 13.88 -6.16 20.50
CA ARG D 222 14.79 -5.11 20.98
C ARG D 222 15.07 -4.08 19.87
N TYR D 223 15.17 -2.81 20.25
CA TYR D 223 15.62 -1.76 19.31
C TYR D 223 17.04 -2.07 18.86
N THR D 224 17.38 -1.85 17.58
CA THR D 224 18.79 -1.96 17.13
C THR D 224 19.33 -0.61 16.69
N ILE D 225 20.65 -0.57 16.55
CA ILE D 225 21.38 0.57 15.97
C ILE D 225 21.18 0.70 14.45
N LYS D 226 20.78 -0.38 13.81
CA LYS D 226 20.57 -0.37 12.38
C LYS D 226 19.44 0.57 11.98
N ALA D 227 18.56 0.92 12.93
CA ALA D 227 17.50 1.89 12.65
C ALA D 227 18.10 3.26 12.35
N ASP D 228 19.11 3.69 13.10
CA ASP D 228 19.88 4.89 12.76
C ASP D 228 20.58 4.91 11.38
N VAL D 229 20.91 3.74 10.84
CA VAL D 229 21.58 3.68 9.54
C VAL D 229 20.57 4.02 8.47
N PHE D 230 19.32 3.63 8.71
CA PHE D 230 18.27 3.89 7.77
C PHE D 230 18.08 5.39 7.71
N SER D 231 17.88 6.00 8.87
CA SER D 231 17.61 7.44 8.93
C SER D 231 18.73 8.24 8.22
N TYR D 232 19.96 7.80 8.46
CA TYR D 232 21.11 8.39 7.83
C TYR D 232 21.07 8.20 6.32
N ALA D 233 20.66 7.05 5.87
CA ALA D 233 20.52 6.83 4.41
C ALA D 233 19.72 8.00 3.78
N LEU D 234 18.57 8.29 4.37
CA LEU D 234 17.68 9.30 3.86
C LEU D 234 18.34 10.67 3.94
N CYS D 235 19.04 10.98 5.05
CA CYS D 235 19.78 12.24 5.21
C CYS D 235 20.80 12.36 4.12
N LEU D 236 21.41 11.25 3.77
CA LEU D 236 22.45 11.28 2.76
C LEU D 236 21.88 11.55 1.38
N TRP D 237 20.76 10.93 1.07
CA TRP D 237 20.01 11.22 -0.13
C TRP D 237 19.52 12.69 -0.15
N GLU D 238 19.09 13.18 1.01
CA GLU D 238 18.66 14.58 1.18
C GLU D 238 19.82 15.49 0.87
N ILE D 239 20.96 15.25 1.52
CA ILE D 239 22.13 16.10 1.32
C ILE D 239 22.52 16.21 -0.16
N LEU D 240 22.64 15.05 -0.81
CA LEU D 240 23.18 14.99 -2.16
C LEU D 240 22.23 15.64 -3.16
N THR D 241 20.94 15.32 -3.07
CA THR D 241 19.88 15.93 -3.94
C THR D 241 19.42 17.33 -3.53
N GLY D 242 19.51 17.67 -2.25
CA GLY D 242 18.88 18.90 -1.71
C GLY D 242 17.37 18.84 -1.49
N GLU D 243 16.74 17.75 -1.87
CA GLU D 243 15.30 17.62 -1.74
C GLU D 243 14.97 17.03 -0.37
N ILE D 244 13.82 17.42 0.17
CA ILE D 244 13.25 16.79 1.33
C ILE D 244 12.76 15.42 0.85
N PRO D 245 13.06 14.32 1.59
CA PRO D 245 12.51 13.00 1.32
C PRO D 245 10.98 13.01 1.18
N PHE D 246 10.41 12.50 0.08
CA PHE D 246 8.98 12.55 -0.10
C PHE D 246 8.32 13.91 0.14
N ALA D 247 8.97 14.98 -0.34
CA ALA D 247 8.50 16.42 -0.19
C ALA D 247 6.99 16.61 -0.28
N HIS D 248 6.42 16.00 -1.31
CA HIS D 248 4.98 15.94 -1.56
C HIS D 248 4.10 15.30 -0.44
N LEU D 249 4.67 14.49 0.48
CA LEU D 249 3.87 13.80 1.51
C LEU D 249 4.00 14.44 2.87
N LYS D 250 3.01 14.25 3.75
CA LYS D 250 3.18 14.62 5.15
C LYS D 250 3.96 13.51 5.81
N PRO D 251 4.64 13.78 6.93
CA PRO D 251 5.50 12.78 7.58
C PRO D 251 4.91 11.37 7.78
N ALA D 252 3.69 11.29 8.30
CA ALA D 252 3.05 10.00 8.58
C ALA D 252 2.80 9.19 7.32
N ALA D 253 2.33 9.87 6.27
CA ALA D 253 2.18 9.28 4.94
C ALA D 253 3.52 8.71 4.46
N ALA D 254 4.58 9.49 4.51
CA ALA D 254 5.90 9.00 4.11
C ALA D 254 6.28 7.80 4.96
N ALA D 255 6.26 7.96 6.28
CA ALA D 255 6.66 6.83 7.17
C ALA D 255 5.90 5.53 6.79
N ALA D 256 4.60 5.67 6.47
CA ALA D 256 3.76 4.54 6.07
C ALA D 256 4.21 3.98 4.74
N ASP D 257 4.33 4.84 3.75
CA ASP D 257 4.74 4.39 2.42
C ASP D 257 6.09 3.66 2.50
N MET D 258 7.01 4.11 3.32
CA MET D 258 8.28 3.41 3.37
C MET D 258 8.05 2.02 3.96
N ALA D 259 7.30 1.92 5.03
CA ALA D 259 7.17 0.68 5.82
C ALA D 259 6.27 -0.38 5.22
N TYR D 260 5.17 0.11 4.64
CA TYR D 260 4.13 -0.73 4.09
C TYR D 260 4.26 -0.94 2.59
N HIS D 261 4.54 0.08 1.77
CA HIS D 261 4.57 -0.07 0.30
C HIS D 261 5.99 -0.04 -0.27
N HIS D 262 6.96 -0.29 0.59
CA HIS D 262 8.40 -0.31 0.30
C HIS D 262 8.89 0.86 -0.59
N ILE D 263 8.30 2.03 -0.39
CA ILE D 263 8.67 3.20 -1.16
C ILE D 263 9.98 3.79 -0.65
N ARG D 264 10.80 4.26 -1.60
CA ARG D 264 12.07 4.91 -1.29
C ARG D 264 12.25 6.14 -2.18
N PRO D 265 13.13 7.08 -1.78
CA PRO D 265 13.41 8.19 -2.68
C PRO D 265 14.10 7.70 -3.95
N PRO D 266 13.82 8.34 -5.11
CA PRO D 266 14.49 7.97 -6.37
C PRO D 266 15.99 8.36 -6.47
N ILE D 267 16.74 7.54 -7.17
CA ILE D 267 18.15 7.80 -7.43
C ILE D 267 18.33 8.15 -8.91
N GLY D 268 18.89 9.33 -9.19
CA GLY D 268 19.19 9.81 -10.55
C GLY D 268 20.61 10.34 -10.62
N TYR D 269 20.99 10.90 -11.78
CA TYR D 269 22.37 11.46 -12.03
C TYR D 269 22.93 12.36 -10.87
N SER D 270 22.02 13.00 -10.13
CA SER D 270 22.26 13.70 -8.82
C SER D 270 23.10 12.96 -7.74
N ILE D 271 23.07 11.62 -7.80
CA ILE D 271 23.89 10.73 -6.95
C ILE D 271 24.83 9.86 -7.81
N PRO D 272 26.16 9.89 -7.56
CA PRO D 272 27.07 9.01 -8.29
C PRO D 272 26.97 7.54 -7.85
N LYS D 273 27.32 6.62 -8.75
CA LYS D 273 27.25 5.16 -8.52
C LYS D 273 27.90 4.61 -7.22
N PRO D 274 29.11 5.11 -6.83
CA PRO D 274 29.75 4.54 -5.61
C PRO D 274 28.85 4.64 -4.40
N ILE D 275 28.24 5.82 -4.25
CA ILE D 275 27.35 6.12 -3.14
C ILE D 275 26.00 5.42 -3.25
N SER D 276 25.46 5.29 -4.46
CA SER D 276 24.05 4.88 -4.61
C SER D 276 23.81 3.47 -4.09
N SER D 277 24.83 2.62 -4.18
CA SER D 277 24.82 1.30 -3.57
C SER D 277 24.73 1.39 -2.02
N LEU D 278 25.49 2.29 -1.40
CA LEU D 278 25.31 2.56 0.03
C LEU D 278 23.87 2.94 0.36
N LEU D 279 23.38 3.98 -0.31
CA LEU D 279 22.00 4.40 -0.10
C LEU D 279 21.04 3.20 -0.14
N ILE D 280 21.02 2.47 -1.26
CA ILE D 280 20.10 1.36 -1.47
C ILE D 280 20.16 0.32 -0.35
N ARG D 281 21.39 -0.01 0.04
CA ARG D 281 21.60 -0.93 1.15
C ARG D 281 21.22 -0.29 2.46
N GLY D 282 21.51 1.00 2.60
CA GLY D 282 21.29 1.79 3.82
C GLY D 282 19.86 1.81 4.28
N TRP D 283 18.93 1.89 3.33
CA TRP D 283 17.50 1.92 3.62
C TRP D 283 16.80 0.62 3.24
N ASN D 284 17.55 -0.47 3.30
CA ASN D 284 16.99 -1.80 3.16
C ASN D 284 15.93 -2.09 4.20
N ALA D 285 14.88 -2.79 3.79
CA ALA D 285 13.82 -3.08 4.75
C ALA D 285 14.29 -4.01 5.85
N CYS D 286 15.30 -4.83 5.59
CA CYS D 286 15.84 -5.73 6.60
C CYS D 286 16.98 -4.95 7.27
N PRO D 287 16.91 -4.73 8.60
CA PRO D 287 18.07 -4.12 9.31
C PRO D 287 19.42 -4.85 9.10
N GLU D 288 19.39 -6.17 9.08
CA GLU D 288 20.62 -6.99 8.97
C GLU D 288 21.33 -6.62 7.67
N GLY D 289 20.56 -6.34 6.61
CA GLY D 289 21.16 -5.98 5.32
C GLY D 289 21.81 -4.59 5.14
N ARG D 290 21.64 -3.73 6.15
CA ARG D 290 22.09 -2.35 6.10
C ARG D 290 23.53 -2.33 6.59
N PRO D 291 24.37 -1.46 6.03
CA PRO D 291 25.75 -1.38 6.52
C PRO D 291 25.92 -0.83 7.98
N GLU D 292 27.05 -1.17 8.59
CA GLU D 292 27.46 -0.54 9.83
C GLU D 292 28.05 0.83 9.43
N PHE D 293 27.97 1.78 10.34
CA PHE D 293 28.57 3.10 10.11
C PHE D 293 30.05 3.12 9.83
N SER D 294 30.80 2.18 10.39
CA SER D 294 32.26 2.13 10.14
C SER D 294 32.54 1.99 8.66
N GLU D 295 31.67 1.26 7.98
CA GLU D 295 31.79 0.99 6.56
C GLU D 295 31.30 2.17 5.76
N VAL D 296 30.19 2.77 6.21
CA VAL D 296 29.69 4.03 5.60
C VAL D 296 30.81 5.04 5.57
N VAL D 297 31.42 5.26 6.73
CA VAL D 297 32.56 6.12 6.84
C VAL D 297 33.61 5.74 5.76
N MET D 298 33.97 4.47 5.65
CA MET D 298 35.03 4.04 4.74
C MET D 298 34.73 4.43 3.31
N LYS D 299 33.51 4.17 2.86
CA LYS D 299 33.14 4.50 1.46
C LYS D 299 33.16 5.99 1.18
N LEU D 300 32.58 6.76 2.09
CA LEU D 300 32.48 8.21 1.89
C LEU D 300 33.83 8.89 2.00
N GLU D 301 34.78 8.28 2.72
CA GLU D 301 36.16 8.78 2.75
C GLU D 301 36.94 8.44 1.47
N GLU D 302 36.65 7.28 0.90
CA GLU D 302 37.22 6.89 -0.39
C GLU D 302 36.69 7.85 -1.48
N CYS D 303 35.40 8.19 -1.43
CA CYS D 303 34.81 9.16 -2.38
C CYS D 303 35.45 10.54 -2.25
N LEU D 304 35.58 11.03 -1.01
CA LEU D 304 36.22 12.33 -0.75
C LEU D 304 37.63 12.45 -1.30
N CYS D 305 38.38 11.34 -1.38
CA CYS D 305 39.71 11.31 -2.07
C CYS D 305 39.62 11.60 -3.57
N ASN D 306 38.66 10.97 -4.24
CA ASN D 306 38.50 11.09 -5.70
C ASN D 306 37.45 12.16 -6.14
N ILE D 307 37.12 13.14 -5.28
CA ILE D 307 35.89 13.99 -5.43
C ILE D 307 35.80 14.77 -6.76
C10 CV4 E . -5.39 -25.47 26.46
C13 CV4 E . -7.05 -28.59 25.36
C17 CV4 E . -6.18 -31.39 24.62
C20 CV4 E . -7.25 -33.68 23.54
C21 CV4 E . -8.07 -32.63 23.89
C22 CV4 E . -5.04 -34.78 23.32
C01 CV4 E . -7.16 -23.62 30.61
N02 CV4 E . -7.85 -23.34 29.34
S03 CV4 E . -7.05 -22.29 28.26
O04 CV4 E . -6.30 -21.28 29.00
O05 CV4 E . -8.01 -21.99 27.21
C06 CV4 E . -5.88 -23.39 27.51
C07 CV4 E . -4.58 -22.96 27.39
C08 CV4 E . -3.67 -23.80 26.81
C09 CV4 E . -4.06 -25.05 26.35
N11 CV4 E . -5.70 -26.76 25.96
C12 CV4 E . -6.96 -27.36 25.95
C14 CV4 E . -8.29 -29.20 25.34
N15 CV4 E . -8.50 -30.47 24.76
C16 CV4 E . -7.55 -31.47 24.44
C18 CV4 E . -5.35 -32.43 24.27
C19 CV4 E . -5.89 -33.59 23.72
F23 CV4 E . -5.19 -35.12 22.00
F24 CV4 E . -3.70 -34.68 23.61
F25 CV4 E . -5.41 -35.89 24.02
N26 CV4 E . -9.38 -28.62 25.84
C27 CV4 E . -9.20 -27.41 26.40
N28 CV4 E . -8.03 -26.75 26.47
C29 CV4 E . -6.31 -24.62 27.06
C10 CV4 F . 9.98 -8.36 -33.75
C13 CV4 F . 12.20 -11.31 -33.93
C17 CV4 F . 11.78 -14.29 -33.63
C20 CV4 F . 13.19 -16.63 -33.85
C21 CV4 F . 13.83 -15.42 -34.02
C22 CV4 F . 11.19 -18.00 -33.42
C01 CV4 F . 11.02 -5.07 -37.10
N02 CV4 F . 11.81 -5.05 -35.86
S03 CV4 F . 11.03 -4.57 -34.39
O04 CV4 F . 10.08 -3.51 -34.62
O05 CV4 F . 12.04 -4.50 -33.35
C06 CV4 F . 10.12 -6.01 -34.03
C07 CV4 F . 8.79 -5.85 -33.71
C08 CV4 F . 8.06 -6.99 -33.41
C09 CV4 F . 8.65 -8.24 -33.42
N11 CV4 F . 10.51 -9.66 -33.76
C12 CV4 F . 11.85 -9.99 -34.04
C14 CV4 F . 13.50 -11.71 -34.19
N15 CV4 F . 13.90 -13.04 -34.08
C16 CV4 F . 13.14 -14.23 -33.91
C18 CV4 F . 11.12 -15.50 -33.47
C19 CV4 F . 11.84 -16.67 -33.57
F23 CV4 F . 11.58 -18.63 -32.27
F24 CV4 F . 9.83 -17.96 -33.36
F25 CV4 F . 11.56 -18.84 -34.43
N26 CV4 F . 14.44 -10.82 -34.54
C27 CV4 F . 14.00 -9.56 -34.63
N28 CV4 F . 12.77 -9.08 -34.41
C29 CV4 F . 10.73 -7.24 -34.06
C10 CV4 G . -25.77 21.68 -10.33
C13 CV4 G . -28.18 22.74 -7.71
C17 CV4 G . -28.09 24.56 -5.28
C20 CV4 G . -29.69 25.29 -3.16
C21 CV4 G . -30.18 24.48 -4.16
C22 CV4 G . -27.88 26.61 -2.11
C01 CV4 G . -27.39 22.27 -14.87
N02 CV4 G . -27.80 21.07 -14.12
S03 CV4 G . -26.61 19.87 -13.83
O04 CV4 G . -25.66 19.81 -14.92
O05 CV4 G . -27.32 18.73 -13.30
C06 CV4 G . -25.74 20.61 -12.46
C07 CV4 G . -24.37 20.67 -12.53
C08 CV4 G . -23.69 21.24 -11.47
C09 CV4 G . -24.39 21.74 -10.38
N11 CV4 G . -26.39 22.22 -9.18
C12 CV4 G . -27.77 22.25 -8.93
C14 CV4 G . -29.52 22.80 -7.43
N15 CV4 G . -30.00 23.29 -6.20
C16 CV4 G . -29.39 24.11 -5.23
C18 CV4 G . -27.57 25.37 -4.29
C19 CV4 G . -28.38 25.73 -3.23
F23 CV4 G . -27.97 25.97 -0.91
F24 CV4 G . -26.59 27.05 -2.25
F25 CV4 G . -28.66 27.73 -2.00
N26 CV4 G . -30.42 22.37 -8.32
C27 CV4 G . -29.95 21.91 -9.48
N28 CV4 G . -28.66 21.83 -9.84
C29 CV4 G . -26.44 21.10 -11.38
C10 CV4 H . 19.22 22.89 19.77
C13 CV4 H . 21.19 25.40 17.91
C17 CV4 H . 20.62 28.02 16.53
C20 CV4 H . 21.90 29.84 14.89
C21 CV4 H . 22.59 28.78 15.44
C22 CV4 H . 19.88 31.17 14.56
C01 CV4 H . 20.91 21.79 24.16
N02 CV4 H . 21.58 21.13 23.02
S03 CV4 H . 20.65 19.98 22.19
O04 CV4 H . 19.82 19.26 23.14
O05 CV4 H . 21.53 19.35 21.22
C06 CV4 H . 19.55 21.02 21.23
C07 CV4 H . 18.20 20.73 21.22
C08 CV4 H . 17.37 21.53 20.48
C09 CV4 H . 17.88 22.59 19.77
N11 CV4 H . 19.65 24.00 19.02
C12 CV4 H . 20.98 24.39 18.82
C14 CV4 H . 22.48 25.81 17.69
N15 CV4 H . 22.77 26.83 16.77
C16 CV4 H . 21.96 27.86 16.26
C18 CV4 H . 19.93 29.08 15.98
C19 CV4 H . 20.57 30.00 15.17
F23 CV4 H . 20.01 31.22 13.22
F24 CV4 H . 18.56 31.29 14.83
F25 CV4 H . 20.41 32.32 15.04
N26 CV4 H . 23.53 25.25 18.32
C27 CV4 H . 23.21 24.27 19.18
N28 CV4 H . 21.99 23.81 19.46
C29 CV4 H . 20.05 22.08 20.52
#